data_6KDZ
#
_entry.id   6KDZ
#
_cell.length_a   50.218
_cell.length_b   81.044
_cell.length_c   162.136
_cell.angle_alpha   90.000
_cell.angle_beta   90.000
_cell.angle_gamma   90.000
#
_symmetry.space_group_name_H-M   'P 21 21 21'
#
loop_
_entity.id
_entity.type
_entity.pdbx_description
1 polymer "cAMP and cAMP-inhibited cGMP 3',5'-cyclic phosphodiesterase 10A"
2 non-polymer 'ZINC ION'
3 non-polymer 'MAGNESIUM ION'
4 non-polymer 4-[2-(5,7-dimethyl-[1,2,4]triazolo[1,5-a]pyrimidin-2-yl)ethyl]-3,7,8,10-tetrazatricyclo[7.4.0.0^{2,7}]trideca-1,3,5,8,10,12-hexaen-6-ol
#
_entity_poly.entity_id   1
_entity_poly.type   'polypeptide(L)'
_entity_poly.pdbx_seq_one_letter_code
;GSHMSICTSEEWQGLMQFTLPVRLCKEIELFHFDIGPFENMWPGIFVYMVHRSCGTSCFELEKLCRFIMSVKKNYRRVPY
HNWKHAVTVAHCMYAILQNNHTLFTDLERKGLLIACLCHDLDHRGFSNSYLQKFDHPLAALYSTSTMEQHHFSQTVSILQ
LEGHNIFSTLSSSEYEQVLEIIRKAIIATDLALYFGNRKQLEEMYQTGSLNLNNQSHRDRVIGLMMTACDLCSVTKLWPV
TKLTANDIYAEFWAEGDEMKKLGIQPIPMMDRDKKDEVPQGQLGFYNAVAIPCYTTLTQILPPTEPLLKACRDNLSQWEK
VIRGEETATWISSPSVAQKAAASED
;
_entity_poly.pdbx_strand_id   A,B
#
loop_
_chem_comp.id
_chem_comp.type
_chem_comp.name
_chem_comp.formula
D79 non-polymer 4-[2-(5,7-dimethyl-[1,2,4]triazolo[1,5-a]pyrimidin-2-yl)ethyl]-3,7,8,10-tetrazatricyclo[7.4.0.0^{2,7}]trideca-1,3,5,8,10,12-hexaen-6-ol 'C18 H16 N8 O'
MG non-polymer 'MAGNESIUM ION' 'Mg 2'
ZN non-polymer 'ZINC ION' 'Zn 2'
#
# COMPACT_ATOMS: atom_id res chain seq x y z
N HIS A 3 -32.87 10.42 25.13
CA HIS A 3 -31.49 10.97 25.16
C HIS A 3 -30.99 11.40 23.79
N MET A 4 -31.78 11.14 22.76
CA MET A 4 -31.50 11.59 21.40
C MET A 4 -31.91 13.03 21.21
N SER A 5 -31.50 13.61 20.09
CA SER A 5 -31.85 14.98 19.79
C SER A 5 -32.67 15.08 18.50
N ILE A 6 -33.76 15.86 18.56
CA ILE A 6 -34.62 16.04 17.41
C ILE A 6 -34.42 17.39 16.75
N CYS A 7 -34.68 17.44 15.45
CA CYS A 7 -34.68 18.68 14.70
C CYS A 7 -36.00 19.42 14.94
N THR A 8 -36.00 20.69 14.57
CA THR A 8 -37.19 21.55 14.67
C THR A 8 -37.89 21.56 13.32
N SER A 9 -39.18 21.89 13.35
CA SER A 9 -40.01 22.02 12.15
C SER A 9 -39.42 23.00 11.15
N GLU A 10 -38.95 24.14 11.67
CA GLU A 10 -38.16 25.11 10.89
C GLU A 10 -37.16 24.37 10.01
N GLU A 11 -36.24 23.67 10.67
CA GLU A 11 -35.16 22.92 10.05
C GLU A 11 -35.67 22.00 8.93
N TRP A 12 -36.50 21.02 9.27
CA TRP A 12 -36.89 20.00 8.28
C TRP A 12 -37.73 20.47 7.11
N GLN A 13 -38.62 21.43 7.35
CA GLN A 13 -39.47 21.98 6.29
C GLN A 13 -38.69 22.79 5.24
N GLY A 14 -37.66 23.52 5.68
CA GLY A 14 -36.79 24.26 4.77
C GLY A 14 -36.04 23.35 3.80
N LEU A 15 -35.69 22.16 4.31
CA LEU A 15 -35.03 21.11 3.54
C LEU A 15 -35.94 20.53 2.46
N MET A 16 -37.21 20.30 2.80
CA MET A 16 -38.22 19.89 1.81
C MET A 16 -38.17 20.83 0.61
N GLN A 17 -38.05 22.12 0.90
CA GLN A 17 -38.13 23.15 -0.13
C GLN A 17 -36.89 23.27 -0.99
N PHE A 18 -35.73 22.87 -0.46
CA PHE A 18 -34.45 22.99 -1.19
C PHE A 18 -34.38 22.25 -2.53
N THR A 19 -33.75 22.90 -3.51
CA THR A 19 -33.38 22.29 -4.80
C THR A 19 -31.93 22.57 -5.15
N LEU A 20 -31.26 21.55 -5.69
CA LEU A 20 -29.85 21.68 -6.08
C LEU A 20 -29.63 22.58 -7.32
N PRO A 21 -28.71 23.56 -7.22
CA PRO A 21 -28.29 24.38 -8.35
C PRO A 21 -27.82 23.50 -9.46
N VAL A 22 -28.31 23.76 -10.67
CA VAL A 22 -27.99 22.95 -11.83
C VAL A 22 -26.50 22.78 -12.10
N ARG A 23 -25.73 23.83 -11.81
CA ARG A 23 -24.28 23.79 -11.98
C ARG A 23 -23.59 22.78 -11.06
N LEU A 24 -24.27 22.37 -9.99
CA LEU A 24 -23.74 21.34 -9.10
C LEU A 24 -24.05 19.92 -9.56
N CYS A 25 -25.12 19.74 -10.33
CA CYS A 25 -25.60 18.43 -10.78
C CYS A 25 -24.56 17.56 -11.49
N LYS A 26 -23.88 18.16 -12.46
CA LYS A 26 -22.76 17.56 -13.15
C LYS A 26 -21.76 17.02 -12.15
N GLU A 27 -21.20 17.93 -11.36
CA GLU A 27 -20.05 17.64 -10.49
C GLU A 27 -20.32 16.68 -9.34
N ILE A 28 -21.56 16.62 -8.86
CA ILE A 28 -21.90 15.73 -7.76
C ILE A 28 -21.57 14.26 -8.10
N GLU A 29 -21.50 13.99 -9.41
CA GLU A 29 -21.31 12.63 -9.92
C GLU A 29 -19.84 12.21 -9.97
N LEU A 30 -18.93 13.17 -9.76
CA LEU A 30 -17.50 12.91 -9.79
C LEU A 30 -16.97 12.44 -8.46
N PHE A 31 -16.10 11.45 -8.50
CA PHE A 31 -15.54 10.86 -7.29
C PHE A 31 -14.75 11.89 -6.48
N HIS A 32 -14.08 12.82 -7.17
CA HIS A 32 -13.23 13.81 -6.50
C HIS A 32 -13.99 15.02 -6.01
N PHE A 33 -15.29 15.08 -6.30
CA PHE A 33 -16.14 16.21 -5.91
C PHE A 33 -15.98 16.55 -4.43
N ASP A 34 -15.93 17.84 -4.13
CA ASP A 34 -15.72 18.33 -2.77
C ASP A 34 -16.96 19.05 -2.28
N ILE A 35 -17.53 18.60 -1.16
CA ILE A 35 -18.74 19.20 -0.64
C ILE A 35 -18.43 20.44 0.17
N GLY A 36 -17.16 20.62 0.51
CA GLY A 36 -16.69 21.70 1.39
C GLY A 36 -17.23 23.12 1.22
N PRO A 37 -17.41 23.60 -0.02
CA PRO A 37 -17.89 24.97 -0.19
C PRO A 37 -19.37 25.17 0.14
N PHE A 38 -20.16 24.11 0.14
CA PHE A 38 -21.62 24.26 0.12
C PHE A 38 -22.30 23.79 1.40
N GLU A 39 -21.78 24.18 2.55
CA GLU A 39 -22.28 23.65 3.85
C GLU A 39 -23.82 23.68 3.99
N ASN A 40 -24.34 24.89 4.09
CA ASN A 40 -25.65 25.29 3.62
C ASN A 40 -26.51 24.18 2.96
N MET A 41 -26.00 23.64 1.86
CA MET A 41 -26.71 22.68 1.01
C MET A 41 -26.47 21.20 1.37
N TRP A 42 -25.67 20.93 2.41
CA TRP A 42 -25.31 19.54 2.70
C TRP A 42 -26.48 18.65 2.89
N PRO A 43 -27.41 19.02 3.79
CA PRO A 43 -28.54 18.11 3.90
C PRO A 43 -29.25 17.94 2.54
N GLY A 44 -29.44 19.06 1.85
CA GLY A 44 -30.06 19.07 0.53
C GLY A 44 -29.39 18.07 -0.39
N ILE A 45 -28.07 18.10 -0.39
CA ILE A 45 -27.27 17.21 -1.23
C ILE A 45 -27.51 15.71 -0.93
N PHE A 46 -27.75 15.38 0.33
CA PHE A 46 -27.96 13.98 0.66
C PHE A 46 -29.28 13.49 0.09
N VAL A 47 -30.32 14.30 0.31
CA VAL A 47 -31.64 14.04 -0.25
C VAL A 47 -31.59 13.85 -1.77
N TYR A 48 -30.94 14.80 -2.46
CA TYR A 48 -30.68 14.67 -3.88
C TYR A 48 -30.10 13.30 -4.15
N MET A 49 -29.01 13.00 -3.46
CA MET A 49 -28.30 11.76 -3.74
C MET A 49 -29.18 10.57 -3.47
N VAL A 50 -29.92 10.61 -2.37
CA VAL A 50 -30.83 9.52 -2.09
C VAL A 50 -31.76 9.40 -3.29
N HIS A 51 -32.38 10.51 -3.68
CA HIS A 51 -33.36 10.53 -4.78
C HIS A 51 -32.83 10.02 -6.09
N ARG A 52 -31.69 10.55 -6.51
CA ARG A 52 -31.03 10.10 -7.72
C ARG A 52 -30.57 8.64 -7.68
N SER A 53 -30.37 8.12 -6.47
CA SER A 53 -29.95 6.74 -6.29
C SER A 53 -31.21 5.88 -6.23
N CYS A 54 -32.11 6.24 -5.34
CA CYS A 54 -33.22 5.38 -4.98
C CYS A 54 -34.57 5.80 -5.57
N GLY A 55 -34.58 6.78 -6.45
CA GLY A 55 -35.85 7.30 -6.97
C GLY A 55 -36.53 8.23 -5.99
N THR A 56 -37.45 9.06 -6.50
CA THR A 56 -37.96 10.21 -5.74
C THR A 56 -39.05 9.89 -4.72
N SER A 57 -39.44 8.62 -4.62
CA SER A 57 -40.42 8.21 -3.60
C SER A 57 -40.03 6.86 -2.97
N CYS A 58 -38.76 6.73 -2.63
CA CYS A 58 -38.25 5.57 -1.94
C CYS A 58 -38.49 5.70 -0.43
N PHE A 59 -38.46 6.93 0.04
CA PHE A 59 -38.87 7.28 1.38
C PHE A 59 -39.90 8.40 1.25
N GLU A 60 -40.84 8.44 2.20
CA GLU A 60 -41.81 9.52 2.28
C GLU A 60 -41.05 10.80 2.62
N LEU A 61 -40.94 11.70 1.65
CA LEU A 61 -40.16 12.94 1.75
C LEU A 61 -40.19 13.68 3.10
N GLU A 62 -41.40 13.91 3.62
CA GLU A 62 -41.55 14.46 4.96
C GLU A 62 -40.71 13.69 6.01
N LYS A 63 -40.75 12.35 5.98
CA LYS A 63 -40.00 11.48 6.90
C LYS A 63 -38.49 11.47 6.71
N LEU A 64 -38.05 11.46 5.45
CA LEU A 64 -36.63 11.50 5.12
C LEU A 64 -35.97 12.77 5.69
N CYS A 65 -36.60 13.91 5.48
CA CYS A 65 -36.05 15.18 5.94
C CYS A 65 -35.91 15.25 7.47
N ARG A 66 -36.87 14.71 8.19
CA ARG A 66 -36.82 14.68 9.63
C ARG A 66 -35.58 13.87 10.08
N PHE A 67 -35.36 12.73 9.43
CA PHE A 67 -34.22 11.84 9.75
C PHE A 67 -32.85 12.50 9.56
N ILE A 68 -32.56 12.91 8.33
CA ILE A 68 -31.38 13.70 7.96
C ILE A 68 -31.09 14.82 8.96
N MET A 69 -32.06 15.70 9.19
CA MET A 69 -31.81 16.89 10.00
C MET A 69 -31.54 16.58 11.48
N SER A 70 -32.14 15.49 11.97
CA SER A 70 -31.86 14.98 13.31
C SER A 70 -30.48 14.33 13.37
N VAL A 71 -30.15 13.55 12.35
CA VAL A 71 -28.83 12.93 12.25
C VAL A 71 -27.79 14.02 12.40
N LYS A 72 -27.98 15.12 11.67
CA LYS A 72 -27.17 16.34 11.75
C LYS A 72 -27.01 16.85 13.17
N LYS A 73 -28.13 16.91 13.89
CA LYS A 73 -28.12 17.41 15.27
C LYS A 73 -27.24 16.57 16.19
N ASN A 74 -27.21 15.26 15.98
CA ASN A 74 -26.45 14.37 16.85
C ASN A 74 -24.99 14.14 16.42
N TYR A 75 -24.50 14.98 15.51
CA TYR A 75 -23.07 15.04 15.23
C TYR A 75 -22.49 16.13 16.08
N ARG A 76 -21.40 15.83 16.78
CA ARG A 76 -20.75 16.83 17.61
C ARG A 76 -20.01 17.83 16.76
N ARG A 77 -19.49 18.87 17.41
CA ARG A 77 -18.83 19.95 16.70
C ARG A 77 -17.34 19.78 16.89
N VAL A 78 -16.86 18.56 16.63
CA VAL A 78 -15.43 18.24 16.73
C VAL A 78 -14.77 18.52 15.38
N PRO A 79 -13.42 18.67 15.36
CA PRO A 79 -12.65 19.06 14.17
C PRO A 79 -12.79 18.17 12.94
N TYR A 80 -12.90 16.86 13.11
CA TYR A 80 -12.93 15.93 11.96
C TYR A 80 -14.12 14.98 11.87
N HIS A 81 -14.41 14.23 12.93
CA HIS A 81 -15.59 13.35 12.94
C HIS A 81 -16.89 14.08 13.18
N ASN A 82 -17.21 14.97 12.24
CA ASN A 82 -18.32 15.89 12.33
C ASN A 82 -19.29 15.68 11.19
N TRP A 83 -20.36 16.48 11.17
CA TRP A 83 -21.37 16.44 10.12
C TRP A 83 -20.75 16.34 8.76
N LYS A 84 -19.77 17.20 8.50
CA LYS A 84 -19.11 17.26 7.21
C LYS A 84 -18.47 15.93 6.84
N HIS A 85 -17.84 15.27 7.79
CA HIS A 85 -17.24 13.96 7.52
C HIS A 85 -18.32 13.02 7.03
N ALA A 86 -19.48 13.04 7.69
CA ALA A 86 -20.57 12.11 7.38
C ALA A 86 -21.10 12.29 5.96
N VAL A 87 -21.27 13.54 5.56
CA VAL A 87 -21.77 13.79 4.23
C VAL A 87 -20.72 13.41 3.20
N THR A 88 -19.44 13.67 3.50
CA THR A 88 -18.36 13.38 2.55
C THR A 88 -18.30 11.89 2.26
N VAL A 89 -18.37 11.10 3.32
CA VAL A 89 -18.39 9.66 3.22
C VAL A 89 -19.64 9.17 2.48
N ALA A 90 -20.79 9.80 2.74
CA ALA A 90 -22.05 9.40 2.10
C ALA A 90 -22.01 9.68 0.60
N HIS A 91 -21.41 10.81 0.25
CA HIS A 91 -21.21 11.17 -1.14
C HIS A 91 -20.37 10.19 -1.88
N CYS A 92 -19.26 9.78 -1.28
CA CYS A 92 -18.37 8.80 -1.90
C CYS A 92 -19.08 7.46 -2.16
N MET A 93 -19.89 7.02 -1.19
CA MET A 93 -20.69 5.81 -1.35
C MET A 93 -21.67 6.00 -2.50
N TYR A 94 -22.34 7.16 -2.55
CA TYR A 94 -23.19 7.54 -3.70
C TYR A 94 -22.49 7.33 -5.03
N ALA A 95 -21.27 7.84 -5.15
CA ALA A 95 -20.49 7.75 -6.38
C ALA A 95 -20.03 6.31 -6.66
N ILE A 96 -19.88 5.51 -5.62
CA ILE A 96 -19.52 4.11 -5.83
C ILE A 96 -20.76 3.43 -6.32
N LEU A 97 -21.87 3.68 -5.63
CA LEU A 97 -23.12 3.03 -5.96
C LEU A 97 -23.58 3.32 -7.39
N GLN A 98 -23.59 4.60 -7.76
CA GLN A 98 -23.92 5.00 -9.14
C GLN A 98 -23.07 4.27 -10.19
N ASN A 99 -21.75 4.21 -9.98
CA ASN A 99 -20.86 3.55 -10.93
C ASN A 99 -20.82 2.02 -10.91
N ASN A 100 -21.72 1.40 -10.16
CA ASN A 100 -21.83 -0.06 -10.08
C ASN A 100 -23.28 -0.42 -9.95
N HIS A 101 -24.16 0.34 -10.60
CA HIS A 101 -25.56 0.37 -10.18
C HIS A 101 -26.20 -0.98 -9.94
N THR A 102 -26.10 -1.88 -10.91
CA THR A 102 -26.84 -3.14 -10.80
C THR A 102 -26.15 -4.25 -9.99
N LEU A 103 -24.99 -3.95 -9.42
CA LEU A 103 -24.34 -4.93 -8.55
C LEU A 103 -25.01 -5.04 -7.18
N PHE A 104 -25.82 -4.04 -6.85
CA PHE A 104 -26.38 -3.93 -5.51
C PHE A 104 -27.90 -3.79 -5.52
N THR A 105 -28.53 -4.33 -4.49
CA THR A 105 -29.98 -4.35 -4.36
C THR A 105 -30.49 -2.99 -3.90
N ASP A 106 -31.76 -2.69 -4.18
CA ASP A 106 -32.45 -1.47 -3.69
C ASP A 106 -32.21 -1.29 -2.22
N LEU A 107 -32.43 -2.39 -1.51
CA LEU A 107 -32.31 -2.45 -0.07
C LEU A 107 -30.90 -2.08 0.38
N GLU A 108 -29.90 -2.63 -0.32
CA GLU A 108 -28.51 -2.30 -0.05
C GLU A 108 -28.20 -0.81 -0.21
N ARG A 109 -28.61 -0.23 -1.34
CA ARG A 109 -28.33 1.18 -1.61
C ARG A 109 -28.98 2.17 -0.62
N LYS A 110 -30.21 1.88 -0.18
CA LYS A 110 -30.85 2.66 0.89
C LYS A 110 -30.05 2.45 2.16
N GLY A 111 -29.77 1.19 2.50
CA GLY A 111 -29.07 0.84 3.73
C GLY A 111 -27.72 1.55 3.88
N LEU A 112 -26.92 1.45 2.82
CA LEU A 112 -25.56 2.01 2.80
C LEU A 112 -25.50 3.53 2.82
N LEU A 113 -26.33 4.20 2.01
CA LEU A 113 -26.37 5.66 2.04
C LEU A 113 -26.76 6.18 3.42
N ILE A 114 -27.73 5.51 4.04
CA ILE A 114 -28.13 5.80 5.41
C ILE A 114 -27.01 5.42 6.39
N ALA A 115 -26.36 4.29 6.12
CA ALA A 115 -25.30 3.82 6.98
C ALA A 115 -24.18 4.85 7.05
N CYS A 116 -23.60 5.18 5.89
CA CYS A 116 -22.60 6.25 5.78
C CYS A 116 -23.01 7.58 6.45
N LEU A 117 -24.26 8.01 6.24
CA LEU A 117 -24.72 9.22 6.87
C LEU A 117 -24.67 9.07 8.39
N CYS A 118 -24.84 7.85 8.86
CA CYS A 118 -24.94 7.65 10.29
C CYS A 118 -23.69 7.18 10.99
N HIS A 119 -22.68 6.80 10.21
CA HIS A 119 -21.56 5.96 10.71
C HIS A 119 -20.71 6.43 11.89
N ASP A 120 -20.62 7.74 12.12
CA ASP A 120 -19.85 8.27 13.27
C ASP A 120 -20.75 9.18 14.10
N LEU A 121 -21.97 8.76 14.36
CA LEU A 121 -22.87 9.58 15.16
C LEU A 121 -22.39 9.73 16.60
N ASP A 122 -22.37 10.97 17.10
CA ASP A 122 -22.05 11.26 18.50
C ASP A 122 -20.62 10.84 18.84
N HIS A 123 -19.71 11.09 17.91
CA HIS A 123 -18.30 10.86 18.08
C HIS A 123 -17.78 11.96 18.95
N ARG A 124 -17.13 11.60 20.05
CA ARG A 124 -16.60 12.60 20.99
C ARG A 124 -15.23 13.19 20.59
N GLY A 125 -14.59 12.58 19.60
CA GLY A 125 -13.26 12.98 19.18
C GLY A 125 -12.17 12.22 19.91
N PHE A 126 -12.56 11.23 20.69
CA PHE A 126 -11.59 10.38 21.34
C PHE A 126 -11.58 9.00 20.69
N SER A 127 -10.39 8.41 20.62
CA SER A 127 -10.18 7.12 19.98
C SER A 127 -10.72 5.96 20.77
N ASN A 128 -10.90 4.84 20.07
CA ASN A 128 -11.32 3.58 20.68
C ASN A 128 -10.27 3.11 21.68
N SER A 129 -9.01 3.34 21.32
CA SER A 129 -7.86 3.02 22.16
C SER A 129 -8.08 3.68 23.51
N TYR A 130 -7.84 4.99 23.53
CA TYR A 130 -8.13 5.86 24.66
C TYR A 130 -9.28 5.36 25.52
N LEU A 131 -10.51 5.40 24.99
CA LEU A 131 -11.74 5.12 25.77
C LEU A 131 -11.67 3.83 26.58
N GLN A 132 -11.00 2.83 26.02
CA GLN A 132 -10.71 1.60 26.73
C GLN A 132 -9.44 1.78 27.55
N LYS A 133 -8.35 2.11 26.88
CA LYS A 133 -7.03 2.28 27.52
C LYS A 133 -7.02 3.11 28.82
N PHE A 134 -8.14 3.76 29.16
CA PHE A 134 -8.40 4.34 30.51
C PHE A 134 -9.65 5.22 30.68
N ASP A 135 -10.88 4.81 31.01
CA ASP A 135 -11.65 3.61 31.15
C ASP A 135 -12.95 4.45 31.11
N HIS A 136 -13.45 4.77 29.91
CA HIS A 136 -14.66 5.60 29.70
C HIS A 136 -15.88 4.71 29.82
N PRO A 137 -17.01 5.24 30.35
CA PRO A 137 -18.21 4.41 30.56
C PRO A 137 -18.71 3.65 29.31
N LEU A 138 -18.33 4.12 28.13
CA LEU A 138 -18.69 3.46 26.87
C LEU A 138 -17.87 2.18 26.64
N ALA A 139 -16.61 2.19 27.09
CA ALA A 139 -15.76 1.00 27.10
C ALA A 139 -16.32 -0.02 28.11
N ALA A 140 -17.04 0.52 29.10
CA ALA A 140 -17.75 -0.28 30.08
C ALA A 140 -18.96 -1.02 29.49
N LEU A 141 -19.52 -0.51 28.38
CA LEU A 141 -20.70 -1.14 27.75
C LEU A 141 -20.33 -2.18 26.67
N TYR A 142 -19.57 -1.74 25.65
CA TYR A 142 -19.02 -2.63 24.62
C TYR A 142 -17.49 -2.52 24.73
N SER A 143 -16.75 -3.54 24.28
CA SER A 143 -15.29 -3.52 24.41
C SER A 143 -14.47 -3.93 23.18
N THR A 144 -15.14 -4.42 22.15
CA THR A 144 -14.50 -4.52 20.85
C THR A 144 -15.25 -3.50 19.98
N SER A 145 -14.51 -2.75 19.15
CA SER A 145 -15.09 -1.69 18.29
C SER A 145 -16.11 -0.86 19.08
N THR A 146 -15.65 -0.22 20.14
CA THR A 146 -16.55 0.48 21.05
C THR A 146 -17.40 1.54 20.35
N MET A 147 -16.76 2.54 19.77
CA MET A 147 -17.47 3.69 19.19
C MET A 147 -18.51 3.30 18.15
N GLU A 148 -18.15 2.34 17.31
CA GLU A 148 -19.03 1.83 16.25
C GLU A 148 -20.34 1.24 16.80
N GLN A 149 -20.24 0.35 17.77
CA GLN A 149 -21.44 -0.20 18.38
C GLN A 149 -22.31 0.89 18.99
N HIS A 150 -21.66 1.99 19.41
CA HIS A 150 -22.35 3.19 19.85
C HIS A 150 -23.05 3.87 18.70
N HIS A 151 -22.29 4.18 17.64
CA HIS A 151 -22.85 4.77 16.41
C HIS A 151 -24.07 4.01 15.95
N PHE A 152 -23.93 2.69 15.80
CA PHE A 152 -25.07 1.91 15.34
C PHE A 152 -26.28 2.07 16.25
N SER A 153 -26.01 2.01 17.56
CA SER A 153 -27.04 2.19 18.57
C SER A 153 -27.73 3.53 18.33
N GLN A 154 -26.94 4.59 18.17
CA GLN A 154 -27.46 5.95 17.91
C GLN A 154 -28.46 6.03 16.75
N THR A 155 -28.03 5.54 15.60
CA THR A 155 -28.86 5.40 14.41
C THR A 155 -30.22 4.82 14.78
N VAL A 156 -30.19 3.62 15.36
CA VAL A 156 -31.38 2.89 15.79
C VAL A 156 -32.26 3.76 16.69
N SER A 157 -31.65 4.39 17.68
CA SER A 157 -32.32 5.33 18.52
C SER A 157 -32.98 6.43 17.70
N ILE A 158 -32.28 6.91 16.67
CA ILE A 158 -32.82 7.95 15.79
C ILE A 158 -33.96 7.42 14.91
N LEU A 159 -33.77 6.24 14.34
CA LEU A 159 -34.81 5.58 13.57
C LEU A 159 -36.08 5.37 14.38
N GLN A 160 -35.93 4.90 15.62
CA GLN A 160 -37.06 4.65 16.49
C GLN A 160 -37.69 5.91 17.11
N LEU A 161 -37.29 7.08 16.61
CA LEU A 161 -37.97 8.30 17.00
C LEU A 161 -39.33 8.44 16.34
N GLU A 162 -40.16 9.28 16.95
CA GLU A 162 -41.56 9.48 16.54
C GLU A 162 -41.64 10.24 15.19
N GLY A 163 -42.19 9.54 14.19
CA GLY A 163 -42.24 10.03 12.80
C GLY A 163 -40.91 10.02 12.06
N HIS A 164 -39.91 9.37 12.66
CA HIS A 164 -38.56 9.38 12.10
C HIS A 164 -38.23 8.18 11.29
N ASN A 165 -39.06 7.14 11.40
CA ASN A 165 -38.71 5.88 10.78
C ASN A 165 -38.97 5.85 9.28
N ILE A 166 -37.92 6.17 8.54
CA ILE A 166 -37.92 6.14 7.08
C ILE A 166 -38.04 4.70 6.51
N PHE A 167 -37.80 3.70 7.35
CA PHE A 167 -37.81 2.31 6.90
C PHE A 167 -39.13 1.59 7.18
N SER A 168 -40.07 2.35 7.75
CA SER A 168 -41.40 1.85 8.18
C SER A 168 -42.16 1.06 7.13
N THR A 169 -42.31 1.63 5.93
CA THR A 169 -43.15 1.02 4.89
C THR A 169 -42.47 -0.14 4.14
N LEU A 170 -41.42 -0.71 4.74
CA LEU A 170 -40.93 -2.01 4.31
C LEU A 170 -41.64 -3.09 5.14
N SER A 171 -41.59 -4.33 4.68
CA SER A 171 -42.04 -5.47 5.49
C SER A 171 -41.03 -5.67 6.61
N SER A 172 -41.48 -6.23 7.74
CA SER A 172 -40.58 -6.41 8.90
C SER A 172 -39.44 -7.41 8.64
N SER A 173 -39.56 -8.16 7.56
CA SER A 173 -38.46 -8.96 7.04
C SER A 173 -37.37 -8.01 6.51
N GLU A 174 -37.78 -7.18 5.54
CA GLU A 174 -36.92 -6.21 4.85
C GLU A 174 -36.43 -5.08 5.76
N TYR A 175 -37.26 -4.72 6.71
CA TYR A 175 -36.85 -3.82 7.76
C TYR A 175 -35.75 -4.47 8.60
N GLU A 176 -35.96 -5.72 8.98
CA GLU A 176 -34.99 -6.48 9.80
C GLU A 176 -33.71 -6.90 9.04
N GLN A 177 -33.59 -6.42 7.81
CA GLN A 177 -32.60 -6.92 6.89
C GLN A 177 -31.65 -5.77 6.61
N VAL A 178 -32.25 -4.60 6.34
CA VAL A 178 -31.53 -3.38 6.11
C VAL A 178 -30.83 -2.97 7.40
N LEU A 179 -31.47 -3.18 8.54
CA LEU A 179 -30.84 -2.88 9.81
C LEU A 179 -29.58 -3.72 10.03
N GLU A 180 -29.61 -4.96 9.54
CA GLU A 180 -28.42 -5.80 9.48
C GLU A 180 -27.36 -5.17 8.56
N ILE A 181 -27.75 -4.88 7.32
CA ILE A 181 -26.88 -4.16 6.36
C ILE A 181 -26.26 -2.90 7.00
N ILE A 182 -27.09 -2.08 7.66
CA ILE A 182 -26.60 -0.87 8.29
C ILE A 182 -25.62 -1.21 9.43
N ARG A 183 -25.98 -2.16 10.30
CA ARG A 183 -25.09 -2.55 11.41
C ARG A 183 -23.70 -3.03 10.97
N LYS A 184 -23.67 -4.01 10.06
CA LYS A 184 -22.39 -4.58 9.60
C LYS A 184 -21.51 -3.54 8.92
N ALA A 185 -22.13 -2.69 8.10
CA ALA A 185 -21.44 -1.63 7.39
C ALA A 185 -20.82 -0.60 8.33
N ILE A 186 -21.50 -0.30 9.44
CA ILE A 186 -20.98 0.66 10.42
C ILE A 186 -19.83 0.08 11.27
N ILE A 187 -19.96 -1.20 11.66
CA ILE A 187 -18.90 -1.90 12.36
C ILE A 187 -17.68 -2.01 11.46
N ALA A 188 -17.92 -2.36 10.21
CA ALA A 188 -16.84 -2.40 9.26
C ALA A 188 -15.91 -1.18 9.41
N THR A 189 -16.47 0.01 9.65
CA THR A 189 -15.63 1.23 9.70
C THR A 189 -14.58 1.27 10.81
N ASP A 190 -14.57 0.27 11.69
CA ASP A 190 -13.57 0.22 12.73
C ASP A 190 -12.32 -0.16 12.02
N LEU A 191 -11.35 0.75 12.01
CA LEU A 191 -10.14 0.55 11.21
C LEU A 191 -9.32 -0.69 11.61
N ALA A 192 -9.40 -1.07 12.88
CA ALA A 192 -8.85 -2.32 13.36
C ALA A 192 -9.21 -3.49 12.44
N LEU A 193 -10.51 -3.63 12.17
CA LEU A 193 -11.05 -4.75 11.40
C LEU A 193 -10.62 -4.77 9.94
N TYR A 194 -10.34 -3.59 9.39
CA TYR A 194 -10.02 -3.44 7.99
C TYR A 194 -8.92 -4.37 7.50
N PHE A 195 -7.84 -4.49 8.28
CA PHE A 195 -6.65 -5.23 7.81
C PHE A 195 -6.95 -6.70 7.54
N GLY A 196 -7.71 -7.32 8.44
CA GLY A 196 -8.21 -8.67 8.25
C GLY A 196 -9.01 -8.76 6.97
N ASN A 197 -10.10 -7.99 6.92
CA ASN A 197 -10.99 -7.96 5.75
C ASN A 197 -10.25 -7.84 4.40
N ARG A 198 -9.30 -6.92 4.31
CA ARG A 198 -8.55 -6.71 3.07
C ARG A 198 -7.76 -7.95 2.68
N LYS A 199 -7.13 -8.60 3.66
CA LYS A 199 -6.30 -9.80 3.40
C LYS A 199 -7.13 -10.93 2.80
N GLN A 200 -8.24 -11.27 3.46
CA GLN A 200 -9.22 -12.23 2.92
C GLN A 200 -9.67 -11.90 1.50
N LEU A 201 -10.15 -10.68 1.32
CA LEU A 201 -10.60 -10.20 0.01
C LEU A 201 -9.47 -10.26 -1.02
N GLU A 202 -8.25 -9.91 -0.60
CA GLU A 202 -7.04 -10.05 -1.41
C GLU A 202 -6.90 -11.48 -1.91
N GLU A 203 -6.87 -12.39 -0.94
CA GLU A 203 -6.88 -13.83 -1.12
C GLU A 203 -7.98 -14.24 -2.12
N MET A 204 -9.23 -14.10 -1.69
CA MET A 204 -10.37 -14.60 -2.46
C MET A 204 -10.37 -14.16 -3.93
N TYR A 205 -10.16 -12.87 -4.19
CA TYR A 205 -10.05 -12.38 -5.56
C TYR A 205 -9.00 -13.17 -6.29
N GLN A 206 -7.85 -13.33 -5.65
CA GLN A 206 -6.68 -13.87 -6.32
C GLN A 206 -6.82 -15.35 -6.66
N THR A 207 -7.50 -16.12 -5.82
CA THR A 207 -7.80 -17.53 -6.16
C THR A 207 -8.98 -17.67 -7.14
N GLY A 208 -9.78 -16.61 -7.29
CA GLY A 208 -10.99 -16.65 -8.12
C GLY A 208 -12.15 -17.35 -7.43
N SER A 209 -12.29 -17.10 -6.12
CA SER A 209 -13.34 -17.71 -5.30
C SER A 209 -14.30 -16.68 -4.65
N LEU A 210 -14.02 -15.40 -4.86
CA LEU A 210 -14.90 -14.34 -4.40
C LEU A 210 -16.23 -14.38 -5.17
N ASN A 211 -17.31 -14.51 -4.43
CA ASN A 211 -18.61 -14.66 -5.04
C ASN A 211 -19.63 -13.64 -4.54
N LEU A 212 -20.00 -12.69 -5.40
CA LEU A 212 -21.05 -11.74 -5.02
C LEU A 212 -22.42 -12.38 -4.66
N ASN A 213 -22.66 -13.62 -5.09
CA ASN A 213 -23.84 -14.41 -4.67
C ASN A 213 -23.69 -14.98 -3.27
N ASN A 214 -22.46 -15.07 -2.79
CA ASN A 214 -22.25 -15.48 -1.41
C ASN A 214 -22.40 -14.26 -0.49
N GLN A 215 -23.40 -14.33 0.40
CA GLN A 215 -23.71 -13.26 1.35
C GLN A 215 -22.50 -12.77 2.15
N SER A 216 -21.68 -13.72 2.62
CA SER A 216 -20.52 -13.37 3.46
C SER A 216 -19.41 -12.68 2.66
N HIS A 217 -19.22 -13.07 1.39
CA HIS A 217 -18.39 -12.31 0.46
C HIS A 217 -18.97 -10.94 0.20
N ARG A 218 -20.29 -10.91 -0.01
CA ARG A 218 -21.04 -9.67 -0.15
C ARG A 218 -20.74 -8.72 1.02
N ASP A 219 -20.90 -9.22 2.24
CA ASP A 219 -20.69 -8.37 3.42
C ASP A 219 -19.29 -7.77 3.41
N ARG A 220 -18.32 -8.58 3.02
CA ARG A 220 -16.93 -8.14 2.98
C ARG A 220 -16.68 -7.03 1.94
N VAL A 221 -17.18 -7.19 0.71
CA VAL A 221 -16.99 -6.14 -0.30
C VAL A 221 -17.55 -4.82 0.20
N ILE A 222 -18.78 -4.87 0.69
CA ILE A 222 -19.46 -3.74 1.32
C ILE A 222 -18.54 -3.10 2.35
N GLY A 223 -18.09 -3.92 3.31
CA GLY A 223 -17.11 -3.50 4.32
C GLY A 223 -15.92 -2.75 3.76
N LEU A 224 -15.30 -3.32 2.72
CA LEU A 224 -14.21 -2.64 2.02
C LEU A 224 -14.66 -1.31 1.44
N MET A 225 -15.88 -1.31 0.89
CA MET A 225 -16.51 -0.11 0.37
C MET A 225 -16.62 0.96 1.44
N MET A 226 -17.13 0.55 2.59
CA MET A 226 -17.22 1.40 3.77
C MET A 226 -15.88 2.03 4.12
N THR A 227 -14.83 1.19 4.16
CA THR A 227 -13.48 1.66 4.47
C THR A 227 -12.99 2.60 3.40
N ALA A 228 -13.21 2.24 2.14
CA ALA A 228 -12.81 3.09 1.05
C ALA A 228 -13.49 4.47 1.13
N CYS A 229 -14.78 4.51 1.48
CA CYS A 229 -15.51 5.76 1.70
C CYS A 229 -15.05 6.53 2.93
N ASP A 230 -14.75 5.81 4.02
CA ASP A 230 -14.34 6.42 5.28
C ASP A 230 -13.10 7.29 5.14
N LEU A 231 -12.21 6.88 4.23
CA LEU A 231 -10.91 7.52 4.07
C LEU A 231 -10.86 8.42 2.87
N CYS A 232 -11.98 8.61 2.20
CA CYS A 232 -11.92 9.21 0.87
C CYS A 232 -11.34 10.63 0.84
N SER A 233 -11.21 11.29 1.99
CA SER A 233 -10.58 12.61 1.99
C SER A 233 -9.25 12.51 1.29
N VAL A 234 -8.68 11.30 1.36
CA VAL A 234 -7.40 11.08 0.73
C VAL A 234 -7.54 10.94 -0.77
N THR A 235 -8.77 11.15 -1.27
CA THR A 235 -9.03 11.03 -2.70
C THR A 235 -9.48 12.33 -3.33
N LYS A 236 -9.41 13.43 -2.58
CA LYS A 236 -9.78 14.72 -3.14
C LYS A 236 -8.55 15.42 -3.75
N LEU A 237 -8.75 16.47 -4.56
CA LEU A 237 -7.59 17.22 -5.08
C LEU A 237 -6.72 17.82 -3.97
N TRP A 238 -5.43 17.95 -4.24
CA TRP A 238 -4.44 18.18 -3.19
C TRP A 238 -4.75 19.23 -2.12
N PRO A 239 -5.20 20.45 -2.51
CA PRO A 239 -5.45 21.48 -1.48
C PRO A 239 -6.58 21.13 -0.52
N VAL A 240 -7.61 20.46 -1.04
CA VAL A 240 -8.65 19.90 -0.21
C VAL A 240 -8.05 18.95 0.84
N THR A 241 -7.29 17.95 0.37
CA THR A 241 -6.72 16.89 1.23
C THR A 241 -5.78 17.45 2.32
N LYS A 242 -4.87 18.34 1.91
CA LYS A 242 -3.95 19.03 2.82
C LYS A 242 -4.75 19.57 3.97
N LEU A 243 -5.76 20.35 3.62
CA LEU A 243 -6.66 20.93 4.58
C LEU A 243 -7.25 19.90 5.54
N THR A 244 -7.89 18.87 5.01
CA THR A 244 -8.53 17.86 5.83
C THR A 244 -7.54 17.32 6.86
N ALA A 245 -6.32 17.07 6.40
CA ALA A 245 -5.28 16.56 7.27
C ALA A 245 -5.18 17.37 8.55
N ASN A 246 -5.19 18.70 8.41
CA ASN A 246 -5.15 19.57 9.58
C ASN A 246 -6.24 19.23 10.53
N ASP A 247 -7.41 18.90 9.99
CA ASP A 247 -8.58 18.62 10.81
C ASP A 247 -8.39 17.32 11.57
N ILE A 248 -7.96 16.27 10.88
CA ILE A 248 -7.70 14.99 11.56
C ILE A 248 -6.62 15.12 12.66
N TYR A 249 -5.59 15.93 12.41
CA TYR A 249 -4.54 16.13 13.41
C TYR A 249 -4.99 16.94 14.61
N ALA A 250 -5.78 17.99 14.35
CA ALA A 250 -6.38 18.78 15.41
C ALA A 250 -7.07 17.87 16.44
N GLU A 251 -7.74 16.82 15.98
CA GLU A 251 -8.41 15.90 16.88
C GLU A 251 -7.45 15.07 17.69
N PHE A 252 -6.47 14.49 17.00
CA PHE A 252 -5.54 13.56 17.63
C PHE A 252 -4.77 14.27 18.71
N TRP A 253 -4.24 15.44 18.35
CA TRP A 253 -3.45 16.23 19.26
C TRP A 253 -4.20 16.63 20.49
N ALA A 254 -5.49 16.88 20.36
CA ALA A 254 -6.33 17.22 21.51
C ALA A 254 -6.45 16.02 22.47
N GLU A 255 -6.54 14.83 21.90
CA GLU A 255 -6.52 13.60 22.65
C GLU A 255 -5.20 13.48 23.40
N GLY A 256 -4.10 13.69 22.68
CA GLY A 256 -2.74 13.64 23.26
C GLY A 256 -2.55 14.61 24.41
N ASP A 257 -3.13 15.80 24.29
CA ASP A 257 -3.14 16.78 25.38
C ASP A 257 -3.80 16.18 26.63
N GLU A 258 -4.94 15.51 26.46
CA GLU A 258 -5.63 14.90 27.61
C GLU A 258 -4.85 13.77 28.27
N MET A 259 -4.00 13.10 27.49
CA MET A 259 -3.10 12.11 28.05
C MET A 259 -1.98 12.80 28.82
N LYS A 260 -1.37 13.82 28.20
CA LYS A 260 -0.28 14.62 28.80
C LYS A 260 -0.72 15.20 30.14
N LYS A 261 -1.91 15.78 30.15
CA LYS A 261 -2.57 16.25 31.38
C LYS A 261 -2.65 15.23 32.55
N LEU A 262 -2.53 13.93 32.25
CA LEU A 262 -2.51 12.91 33.29
C LEU A 262 -1.13 12.23 33.30
N GLY A 263 -0.10 13.00 32.94
CA GLY A 263 1.27 12.50 32.84
C GLY A 263 1.45 11.20 32.07
N ILE A 264 0.80 11.08 30.91
CA ILE A 264 1.02 9.92 30.06
C ILE A 264 1.43 10.36 28.67
N GLN A 265 2.57 9.82 28.24
CA GLN A 265 3.11 10.10 26.94
C GLN A 265 2.20 9.53 25.88
N PRO A 266 1.62 10.41 25.03
CA PRO A 266 0.82 9.93 23.89
C PRO A 266 1.74 9.44 22.78
N ILE A 267 1.29 8.46 21.99
CA ILE A 267 2.08 8.02 20.85
C ILE A 267 2.32 9.23 19.93
N PRO A 268 3.35 9.15 19.06
CA PRO A 268 3.69 10.39 18.36
C PRO A 268 2.57 11.00 17.51
N MET A 269 1.64 10.17 17.03
CA MET A 269 0.54 10.62 16.16
C MET A 269 -0.38 11.68 16.78
N MET A 270 -0.54 11.62 18.10
CA MET A 270 -1.45 12.53 18.81
C MET A 270 -0.65 13.54 19.64
N ASP A 271 0.58 13.78 19.21
CA ASP A 271 1.51 14.67 19.88
C ASP A 271 1.75 15.89 19.01
N ARG A 272 1.23 17.04 19.42
CA ARG A 272 1.39 18.29 18.67
C ARG A 272 2.82 18.84 18.76
N ASP A 273 3.66 18.21 19.59
CA ASP A 273 5.06 18.61 19.73
C ASP A 273 5.92 17.82 18.75
N LYS A 274 5.27 17.00 17.94
CA LYS A 274 5.99 16.21 16.94
C LYS A 274 5.51 16.52 15.51
N LYS A 275 4.96 17.72 15.32
CA LYS A 275 4.42 18.25 14.04
C LYS A 275 5.16 18.04 12.71
N ASP A 276 6.49 18.10 12.71
CA ASP A 276 7.27 17.91 11.48
C ASP A 276 7.15 16.48 10.94
N GLU A 277 7.05 15.52 11.86
CA GLU A 277 6.90 14.10 11.52
C GLU A 277 5.58 13.79 10.77
N VAL A 278 4.67 14.76 10.71
CA VAL A 278 3.36 14.60 10.02
C VAL A 278 3.36 14.12 8.55
N PRO A 279 4.08 14.82 7.66
CA PRO A 279 4.11 14.35 6.28
C PRO A 279 4.66 12.93 6.15
N GLN A 280 5.67 12.59 6.94
CA GLN A 280 6.10 11.22 7.08
C GLN A 280 5.03 10.30 7.68
N GLY A 281 4.11 10.88 8.43
CA GLY A 281 3.04 10.11 9.05
C GLY A 281 2.10 9.68 7.95
N GLN A 282 1.71 10.67 7.14
CA GLN A 282 0.84 10.46 6.00
C GLN A 282 1.36 9.39 5.03
N LEU A 283 2.62 9.55 4.59
CA LEU A 283 3.19 8.64 3.64
C LEU A 283 2.98 7.24 4.13
N GLY A 284 3.36 6.99 5.38
CA GLY A 284 3.17 5.69 6.03
C GLY A 284 1.76 5.16 5.94
N PHE A 285 0.81 6.04 6.26
CA PHE A 285 -0.63 5.74 6.24
C PHE A 285 -1.17 5.40 4.83
N TYR A 286 -0.79 6.23 3.86
CA TYR A 286 -1.14 5.93 2.49
C TYR A 286 -0.67 4.54 2.15
N ASN A 287 0.62 4.29 2.41
CA ASN A 287 1.29 3.05 2.03
C ASN A 287 0.79 1.79 2.71
N ALA A 288 0.60 1.85 4.01
CA ALA A 288 0.18 0.68 4.75
C ALA A 288 -1.32 0.46 4.69
N VAL A 289 -2.07 1.56 4.61
CA VAL A 289 -3.53 1.51 4.75
C VAL A 289 -4.28 1.97 3.50
N ALA A 290 -4.08 3.22 3.08
CA ALA A 290 -4.85 3.83 2.01
C ALA A 290 -4.73 3.11 0.66
N ILE A 291 -3.53 3.16 0.06
CA ILE A 291 -3.27 2.51 -1.24
C ILE A 291 -3.77 1.07 -1.26
N PRO A 292 -3.36 0.25 -0.28
CA PRO A 292 -3.87 -1.12 -0.24
C PRO A 292 -5.40 -1.17 -0.28
N CYS A 293 -6.06 -0.34 0.52
CA CYS A 293 -7.53 -0.26 0.53
C CYS A 293 -8.12 -0.05 -0.86
N TYR A 294 -7.74 1.04 -1.52
CA TYR A 294 -8.29 1.37 -2.82
C TYR A 294 -7.87 0.38 -3.91
N THR A 295 -6.65 -0.14 -3.78
CA THR A 295 -6.11 -1.09 -4.76
C THR A 295 -7.01 -2.31 -4.84
N THR A 296 -7.31 -2.91 -3.69
CA THR A 296 -8.18 -4.07 -3.68
C THR A 296 -9.62 -3.74 -4.11
N LEU A 297 -10.14 -2.55 -3.77
CA LEU A 297 -11.47 -2.14 -4.24
C LEU A 297 -11.56 -1.92 -5.76
N THR A 298 -10.48 -1.44 -6.37
CA THR A 298 -10.45 -1.32 -7.82
C THR A 298 -10.39 -2.70 -8.48
N GLN A 299 -9.77 -3.66 -7.81
CA GLN A 299 -9.72 -5.05 -8.33
C GLN A 299 -11.11 -5.66 -8.37
N ILE A 300 -11.78 -5.60 -7.22
CA ILE A 300 -13.15 -6.04 -7.11
C ILE A 300 -14.09 -5.18 -7.93
N LEU A 301 -13.98 -3.87 -7.85
CA LEU A 301 -14.95 -3.00 -8.49
C LEU A 301 -14.24 -2.03 -9.41
N PRO A 302 -13.91 -2.49 -10.62
CA PRO A 302 -13.14 -1.69 -11.56
C PRO A 302 -13.61 -0.24 -11.85
N PRO A 303 -14.93 0.07 -11.75
CA PRO A 303 -15.41 1.47 -11.87
C PRO A 303 -14.88 2.43 -10.80
N THR A 304 -14.40 1.87 -9.69
CA THR A 304 -13.89 2.65 -8.55
C THR A 304 -12.43 3.03 -8.74
N GLU A 305 -11.92 2.82 -9.95
CA GLU A 305 -10.53 3.13 -10.30
C GLU A 305 -10.09 4.59 -10.01
N PRO A 306 -10.92 5.60 -10.36
CA PRO A 306 -10.53 7.01 -10.11
C PRO A 306 -10.12 7.30 -8.65
N LEU A 307 -10.76 6.59 -7.71
CA LEU A 307 -10.42 6.67 -6.30
C LEU A 307 -8.96 6.31 -6.06
N LEU A 308 -8.56 5.19 -6.64
CA LEU A 308 -7.16 4.76 -6.62
C LEU A 308 -6.25 5.83 -7.24
N LYS A 309 -6.61 6.30 -8.44
CA LYS A 309 -5.84 7.33 -9.15
C LYS A 309 -5.60 8.57 -8.31
N ALA A 310 -6.67 9.08 -7.70
CA ALA A 310 -6.57 10.26 -6.85
C ALA A 310 -5.68 10.05 -5.62
N CYS A 311 -5.76 8.87 -5.02
CA CYS A 311 -4.89 8.48 -3.91
C CYS A 311 -3.42 8.55 -4.27
N ARG A 312 -3.05 7.93 -5.39
CA ARG A 312 -1.69 7.99 -5.91
C ARG A 312 -1.20 9.41 -6.05
N ASP A 313 -2.02 10.27 -6.63
CA ASP A 313 -1.63 11.66 -6.89
C ASP A 313 -1.37 12.43 -5.60
N ASN A 314 -2.18 12.12 -4.58
CA ASN A 314 -1.98 12.72 -3.26
C ASN A 314 -0.71 12.19 -2.61
N LEU A 315 -0.51 10.87 -2.71
CA LEU A 315 0.69 10.22 -2.19
C LEU A 315 1.92 10.96 -2.68
N SER A 316 2.04 11.13 -4.00
CA SER A 316 3.24 11.81 -4.52
C SER A 316 3.40 13.24 -4.04
N GLN A 317 2.30 13.91 -3.72
CA GLN A 317 2.39 15.22 -3.12
C GLN A 317 3.10 15.12 -1.78
N TRP A 318 2.63 14.21 -0.93
CA TRP A 318 3.26 13.96 0.37
C TRP A 318 4.74 13.66 0.27
N GLU A 319 5.11 12.79 -0.68
CA GLU A 319 6.53 12.48 -0.96
C GLU A 319 7.30 13.77 -1.19
N LYS A 320 6.75 14.62 -2.06
CA LYS A 320 7.39 15.85 -2.46
C LYS A 320 7.57 16.79 -1.28
N VAL A 321 6.60 16.79 -0.37
CA VAL A 321 6.72 17.55 0.87
C VAL A 321 7.89 17.04 1.69
N ILE A 322 7.97 15.73 1.88
CA ILE A 322 9.07 15.13 2.61
C ILE A 322 10.41 15.45 1.95
N ARG A 323 10.45 15.41 0.62
CA ARG A 323 11.67 15.75 -0.14
C ARG A 323 11.97 17.25 -0.17
N GLY A 324 11.10 18.06 0.44
CA GLY A 324 11.29 19.51 0.49
C GLY A 324 11.00 20.26 -0.80
N GLU A 325 9.80 20.05 -1.35
CA GLU A 325 9.36 20.69 -2.60
C GLU A 325 7.88 21.14 -2.57
N GLU A 326 7.48 21.83 -1.49
CA GLU A 326 6.10 22.31 -1.25
C GLU A 326 6.02 23.42 -0.19
N HIS B 3 8.71 -28.25 -14.98
CA HIS B 3 8.44 -27.86 -13.57
C HIS B 3 8.33 -26.34 -13.38
N MET B 4 8.54 -25.57 -14.44
CA MET B 4 8.37 -24.11 -14.40
C MET B 4 6.91 -23.72 -14.58
N SER B 5 6.59 -22.46 -14.35
CA SER B 5 5.22 -21.96 -14.48
C SER B 5 5.08 -20.93 -15.59
N ILE B 6 4.11 -21.12 -16.48
CA ILE B 6 3.93 -20.19 -17.59
C ILE B 6 2.77 -19.25 -17.36
N CYS B 7 2.88 -18.06 -17.93
CA CYS B 7 1.79 -17.09 -17.90
C CYS B 7 0.75 -17.48 -18.93
N THR B 8 -0.42 -16.86 -18.81
CA THR B 8 -1.53 -17.07 -19.74
C THR B 8 -1.54 -15.95 -20.76
N SER B 9 -2.12 -16.21 -21.93
CA SER B 9 -2.24 -15.22 -23.00
C SER B 9 -2.94 -13.95 -22.55
N GLU B 10 -3.97 -14.11 -21.72
CA GLU B 10 -4.63 -12.94 -21.12
C GLU B 10 -3.60 -12.04 -20.44
N GLU B 11 -2.81 -12.65 -19.54
CA GLU B 11 -1.76 -11.94 -18.81
C GLU B 11 -0.83 -11.16 -19.75
N TRP B 12 -0.18 -11.85 -20.69
CA TRP B 12 0.89 -11.23 -21.50
C TRP B 12 0.45 -10.22 -22.54
N GLN B 13 -0.72 -10.44 -23.12
CA GLN B 13 -1.26 -9.50 -24.10
C GLN B 13 -1.69 -8.15 -23.50
N GLY B 14 -2.27 -8.19 -22.30
CA GLY B 14 -2.64 -6.98 -21.56
C GLY B 14 -1.46 -6.06 -21.31
N LEU B 15 -0.32 -6.70 -21.00
CA LEU B 15 0.96 -6.03 -20.79
C LEU B 15 1.45 -5.33 -22.06
N MET B 16 1.32 -6.02 -23.20
CA MET B 16 1.62 -5.42 -24.51
C MET B 16 0.94 -4.07 -24.66
N GLN B 17 -0.33 -4.05 -24.23
CA GLN B 17 -1.17 -2.88 -24.38
C GLN B 17 -0.82 -1.74 -23.40
N PHE B 18 -0.26 -2.07 -22.24
CA PHE B 18 0.00 -1.06 -21.19
C PHE B 18 0.90 0.12 -21.61
N THR B 19 0.54 1.32 -21.15
CA THR B 19 1.40 2.51 -21.25
C THR B 19 1.54 3.25 -19.91
N LEU B 20 2.72 3.78 -19.64
CA LEU B 20 2.99 4.43 -18.38
C LEU B 20 2.39 5.82 -18.32
N PRO B 21 1.60 6.11 -17.24
CA PRO B 21 1.12 7.47 -16.98
C PRO B 21 2.27 8.44 -17.01
N VAL B 22 2.10 9.53 -17.74
CA VAL B 22 3.13 10.54 -17.92
C VAL B 22 3.65 11.12 -16.58
N ARG B 23 2.75 11.26 -15.61
CA ARG B 23 3.07 11.71 -14.25
C ARG B 23 4.13 10.83 -13.55
N LEU B 24 4.26 9.57 -14.00
CA LEU B 24 5.22 8.62 -13.43
C LEU B 24 6.57 8.65 -14.13
N CYS B 25 6.59 9.09 -15.39
CA CYS B 25 7.80 9.11 -16.19
C CYS B 25 8.94 9.90 -15.56
N LYS B 26 8.63 11.13 -15.14
CA LYS B 26 9.55 11.95 -14.35
C LYS B 26 10.15 11.11 -13.24
N GLU B 27 9.29 10.64 -12.34
CA GLU B 27 9.70 10.05 -11.06
C GLU B 27 10.42 8.71 -11.15
N ILE B 28 10.23 7.98 -12.25
CA ILE B 28 10.84 6.66 -12.42
C ILE B 28 12.37 6.75 -12.46
N GLU B 29 12.86 7.94 -12.79
CA GLU B 29 14.27 8.20 -13.00
C GLU B 29 15.00 8.54 -11.71
N LEU B 30 14.26 8.66 -10.61
CA LEU B 30 14.86 9.04 -9.34
C LEU B 30 15.26 7.79 -8.61
N PHE B 31 16.39 7.86 -7.90
CA PHE B 31 16.89 6.73 -7.14
C PHE B 31 15.93 6.35 -6.00
N HIS B 32 15.31 7.35 -5.38
CA HIS B 32 14.42 7.11 -4.22
C HIS B 32 12.99 6.76 -4.57
N PHE B 33 12.65 6.82 -5.86
CA PHE B 33 11.34 6.41 -6.35
C PHE B 33 10.87 5.10 -5.70
N ASP B 34 9.58 5.05 -5.36
CA ASP B 34 9.02 3.88 -4.73
C ASP B 34 7.99 3.30 -5.67
N ILE B 35 8.13 2.03 -5.98
CA ILE B 35 7.18 1.35 -6.83
C ILE B 35 5.91 0.88 -6.10
N GLY B 36 5.98 0.85 -4.77
CA GLY B 36 4.92 0.28 -3.90
C GLY B 36 3.46 0.60 -4.18
N PRO B 37 3.14 1.85 -4.59
CA PRO B 37 1.74 2.19 -4.89
C PRO B 37 1.15 1.53 -6.14
N PHE B 38 1.99 1.20 -7.11
CA PHE B 38 1.55 0.90 -8.48
C PHE B 38 1.67 -0.57 -8.86
N GLU B 39 1.30 -1.47 -7.94
CA GLU B 39 1.50 -2.93 -8.13
C GLU B 39 1.07 -3.34 -9.50
N ASN B 40 -0.16 -2.95 -9.82
CA ASN B 40 -0.81 -3.23 -11.09
C ASN B 40 -0.02 -2.85 -12.36
N MET B 41 0.82 -1.82 -12.27
CA MET B 41 1.72 -1.41 -13.37
C MET B 41 3.17 -1.94 -13.27
N TRP B 42 3.49 -2.78 -12.27
CA TRP B 42 4.87 -3.29 -12.13
C TRP B 42 5.43 -3.94 -13.36
N PRO B 43 4.68 -4.88 -13.98
CA PRO B 43 5.28 -5.46 -15.19
C PRO B 43 5.51 -4.38 -16.22
N GLY B 44 4.46 -3.55 -16.42
CA GLY B 44 4.51 -2.44 -17.37
C GLY B 44 5.72 -1.54 -17.14
N ILE B 45 5.99 -1.23 -15.88
CA ILE B 45 7.15 -0.44 -15.52
C ILE B 45 8.48 -1.08 -15.97
N PHE B 46 8.59 -2.41 -15.85
CA PHE B 46 9.85 -3.05 -16.21
C PHE B 46 10.12 -2.91 -17.70
N VAL B 47 9.09 -3.20 -18.50
CA VAL B 47 9.16 -3.07 -19.94
C VAL B 47 9.53 -1.65 -20.33
N TYR B 48 8.86 -0.67 -19.71
CA TYR B 48 9.24 0.71 -19.95
C TYR B 48 10.74 0.80 -19.69
N MET B 49 11.17 0.33 -18.51
CA MET B 49 12.56 0.54 -18.09
C MET B 49 13.51 -0.12 -19.02
N VAL B 50 13.17 -1.34 -19.45
CA VAL B 50 13.95 -2.02 -20.48
C VAL B 50 14.05 -1.09 -21.69
N HIS B 51 12.89 -0.67 -22.21
CA HIS B 51 12.83 0.13 -23.43
C HIS B 51 13.63 1.39 -23.31
N ARG B 52 13.40 2.15 -22.27
CA ARG B 52 14.14 3.38 -22.04
C ARG B 52 15.64 3.16 -21.86
N SER B 53 16.02 1.95 -21.43
CA SER B 53 17.43 1.67 -21.25
C SER B 53 18.00 1.11 -22.52
N CYS B 54 17.27 0.17 -23.11
CA CYS B 54 17.77 -0.63 -24.24
C CYS B 54 17.19 -0.29 -25.63
N GLY B 55 16.34 0.74 -25.70
CA GLY B 55 15.63 1.07 -26.94
C GLY B 55 14.41 0.18 -27.11
N THR B 56 13.50 0.59 -27.99
CA THR B 56 12.16 -0.01 -28.06
C THR B 56 12.04 -1.32 -28.86
N SER B 57 13.14 -1.77 -29.46
CA SER B 57 13.15 -3.05 -30.17
C SER B 57 14.41 -3.89 -29.87
N CYS B 58 14.77 -3.91 -28.59
CA CYS B 58 15.93 -4.65 -28.13
C CYS B 58 15.59 -6.12 -27.93
N PHE B 59 14.31 -6.34 -27.64
CA PHE B 59 13.73 -7.66 -27.59
C PHE B 59 12.44 -7.55 -28.40
N GLU B 60 12.03 -8.64 -29.01
CA GLU B 60 10.75 -8.72 -29.71
C GLU B 60 9.65 -8.65 -28.66
N LEU B 61 8.95 -7.50 -28.62
CA LEU B 61 7.91 -7.18 -27.60
C LEU B 61 7.02 -8.34 -27.17
N GLU B 62 6.49 -9.09 -28.13
CA GLU B 62 5.70 -10.27 -27.81
C GLU B 62 6.48 -11.24 -26.90
N LYS B 63 7.78 -11.39 -27.15
CA LYS B 63 8.62 -12.30 -26.37
C LYS B 63 8.98 -11.76 -24.98
N LEU B 64 9.29 -10.47 -24.91
CA LEU B 64 9.63 -9.82 -23.63
C LEU B 64 8.50 -9.99 -22.63
N CYS B 65 7.28 -9.74 -23.09
CA CYS B 65 6.09 -9.82 -22.25
C CYS B 65 5.82 -11.21 -21.69
N ARG B 66 6.06 -12.22 -22.51
CA ARG B 66 5.89 -13.59 -22.06
C ARG B 66 6.88 -13.90 -20.93
N PHE B 67 8.11 -13.42 -21.08
CA PHE B 67 9.16 -13.65 -20.10
C PHE B 67 8.80 -13.02 -18.76
N ILE B 68 8.59 -11.71 -18.78
CA ILE B 68 8.23 -10.93 -17.59
C ILE B 68 7.11 -11.58 -16.78
N MET B 69 6.00 -11.83 -17.44
CA MET B 69 4.81 -12.34 -16.73
C MET B 69 4.98 -13.75 -16.17
N SER B 70 5.81 -14.55 -16.84
CA SER B 70 6.19 -15.86 -16.30
C SER B 70 7.12 -15.69 -15.10
N VAL B 71 8.08 -14.77 -15.23
CA VAL B 71 9.01 -14.49 -14.14
C VAL B 71 8.19 -14.22 -12.88
N LYS B 72 7.19 -13.35 -13.03
CA LYS B 72 6.22 -13.00 -12.00
C LYS B 72 5.54 -14.21 -11.41
N LYS B 73 5.09 -15.14 -12.27
CA LYS B 73 4.39 -16.34 -11.80
C LYS B 73 5.25 -17.26 -10.95
N ASN B 74 6.56 -17.23 -11.13
CA ASN B 74 7.45 -18.10 -10.37
C ASN B 74 8.07 -17.41 -9.14
N TYR B 75 7.55 -16.26 -8.78
CA TYR B 75 7.89 -15.67 -7.51
C TYR B 75 6.84 -16.15 -6.57
N ARG B 76 7.25 -16.59 -5.39
CA ARG B 76 6.29 -17.05 -4.39
C ARG B 76 5.66 -15.86 -3.67
N ARG B 77 4.68 -16.15 -2.82
CA ARG B 77 3.91 -15.10 -2.15
C ARG B 77 4.39 -14.91 -0.71
N VAL B 78 5.70 -14.94 -0.53
CA VAL B 78 6.32 -14.71 0.78
C VAL B 78 6.37 -13.22 1.11
N PRO B 79 6.56 -12.89 2.38
CA PRO B 79 6.50 -11.50 2.83
C PRO B 79 7.49 -10.54 2.16
N TYR B 80 8.73 -10.97 1.89
CA TYR B 80 9.78 -10.05 1.41
C TYR B 80 10.44 -10.43 0.08
N HIS B 81 10.91 -11.65 -0.05
CA HIS B 81 11.51 -12.09 -1.30
C HIS B 81 10.43 -12.46 -2.31
N ASN B 82 9.65 -11.44 -2.68
CA ASN B 82 8.50 -11.58 -3.56
C ASN B 82 8.66 -10.75 -4.84
N TRP B 83 7.66 -10.86 -5.72
CA TRP B 83 7.57 -10.10 -6.97
C TRP B 83 7.98 -8.64 -6.83
N LYS B 84 7.40 -7.96 -5.86
CA LYS B 84 7.74 -6.58 -5.57
C LYS B 84 9.23 -6.37 -5.27
N HIS B 85 9.87 -7.26 -4.47
CA HIS B 85 11.33 -7.18 -4.25
C HIS B 85 12.10 -7.17 -5.55
N ALA B 86 11.75 -8.10 -6.42
CA ALA B 86 12.37 -8.22 -7.74
C ALA B 86 12.29 -6.91 -8.53
N VAL B 87 11.10 -6.34 -8.60
CA VAL B 87 10.92 -5.11 -9.36
C VAL B 87 11.65 -3.91 -8.71
N THR B 88 11.61 -3.81 -7.40
CA THR B 88 12.36 -2.76 -6.69
C THR B 88 13.87 -2.80 -7.01
N VAL B 89 14.42 -4.00 -7.00
CA VAL B 89 15.83 -4.21 -7.28
C VAL B 89 16.16 -3.84 -8.73
N ALA B 90 15.26 -4.21 -9.64
CA ALA B 90 15.48 -3.96 -11.07
C ALA B 90 15.40 -2.48 -11.34
N HIS B 91 14.50 -1.81 -10.63
CA HIS B 91 14.37 -0.39 -10.79
C HIS B 91 15.61 0.33 -10.37
N CYS B 92 16.21 -0.11 -9.28
CA CYS B 92 17.39 0.56 -8.75
C CYS B 92 18.55 0.38 -9.68
N MET B 93 18.61 -0.78 -10.35
CA MET B 93 19.61 -1.06 -11.38
C MET B 93 19.41 -0.18 -12.62
N TYR B 94 18.15 -0.03 -13.02
CA TYR B 94 17.78 0.92 -14.07
C TYR B 94 18.28 2.33 -13.76
N ALA B 95 18.11 2.76 -12.53
CA ALA B 95 18.57 4.08 -12.13
C ALA B 95 20.08 4.19 -12.05
N ILE B 96 20.76 3.08 -11.73
CA ILE B 96 22.23 3.10 -11.74
C ILE B 96 22.72 3.12 -13.18
N LEU B 97 22.13 2.27 -14.01
CA LEU B 97 22.52 2.18 -15.40
C LEU B 97 22.33 3.49 -16.17
N GLN B 98 21.14 4.10 -16.07
CA GLN B 98 20.88 5.40 -16.67
C GLN B 98 21.91 6.45 -16.28
N ASN B 99 22.20 6.59 -14.98
CA ASN B 99 23.21 7.56 -14.49
C ASN B 99 24.68 7.22 -14.72
N ASN B 100 24.94 6.15 -15.49
CA ASN B 100 26.31 5.77 -15.85
C ASN B 100 26.33 5.22 -17.27
N HIS B 101 25.48 5.77 -18.12
CA HIS B 101 25.06 5.02 -19.30
C HIS B 101 26.18 4.37 -20.07
N THR B 102 27.18 5.15 -20.47
CA THR B 102 28.20 4.62 -21.38
C THR B 102 29.28 3.76 -20.71
N LEU B 103 29.24 3.63 -19.38
CA LEU B 103 30.22 2.79 -18.68
C LEU B 103 29.97 1.31 -19.00
N PHE B 104 28.79 0.99 -19.49
CA PHE B 104 28.39 -0.38 -19.64
C PHE B 104 27.91 -0.69 -21.05
N THR B 105 28.09 -1.93 -21.47
CA THR B 105 27.75 -2.38 -22.81
C THR B 105 26.27 -2.73 -22.92
N ASP B 106 25.73 -2.69 -24.15
CA ASP B 106 24.31 -3.05 -24.44
C ASP B 106 24.00 -4.35 -23.82
N LEU B 107 24.90 -5.29 -24.03
CA LEU B 107 24.77 -6.63 -23.55
C LEU B 107 24.69 -6.65 -22.03
N GLU B 108 25.54 -5.87 -21.36
CA GLU B 108 25.52 -5.78 -19.92
C GLU B 108 24.16 -5.30 -19.43
N ARG B 109 23.67 -4.22 -20.01
CA ARG B 109 22.43 -3.59 -19.56
C ARG B 109 21.21 -4.50 -19.70
N LYS B 110 21.15 -5.24 -20.80
CA LYS B 110 20.10 -6.24 -20.97
C LYS B 110 20.26 -7.29 -19.89
N GLY B 111 21.48 -7.81 -19.76
CA GLY B 111 21.77 -8.86 -18.81
C GLY B 111 21.37 -8.49 -17.40
N LEU B 112 21.83 -7.33 -16.95
CA LEU B 112 21.63 -6.92 -15.57
C LEU B 112 20.18 -6.62 -15.22
N LEU B 113 19.44 -5.97 -16.11
CA LEU B 113 18.03 -5.71 -15.82
C LEU B 113 17.27 -7.01 -15.76
N ILE B 114 17.55 -7.92 -16.67
CA ILE B 114 16.97 -9.28 -16.59
C ILE B 114 17.46 -10.05 -15.34
N ALA B 115 18.73 -9.84 -14.98
CA ALA B 115 19.30 -10.49 -13.82
C ALA B 115 18.54 -10.06 -12.59
N CYS B 116 18.50 -8.76 -12.34
CA CYS B 116 17.79 -8.23 -11.21
C CYS B 116 16.33 -8.65 -11.16
N LEU B 117 15.65 -8.69 -12.31
CA LEU B 117 14.26 -9.15 -12.33
C LEU B 117 14.15 -10.63 -11.95
N CYS B 118 15.21 -11.39 -12.14
CA CYS B 118 15.13 -12.80 -11.90
C CYS B 118 15.80 -13.24 -10.62
N HIS B 119 16.49 -12.33 -9.94
CA HIS B 119 17.50 -12.71 -8.94
C HIS B 119 17.10 -13.55 -7.74
N ASP B 120 15.84 -13.47 -7.32
CA ASP B 120 15.34 -14.30 -6.20
C ASP B 120 14.14 -15.15 -6.62
N LEU B 121 14.23 -15.78 -7.79
CA LEU B 121 13.14 -16.62 -8.29
C LEU B 121 12.95 -17.84 -7.40
N ASP B 122 11.70 -18.08 -7.04
CA ASP B 122 11.29 -19.31 -6.36
C ASP B 122 11.92 -19.39 -4.96
N HIS B 123 12.02 -18.22 -4.33
CA HIS B 123 12.53 -18.11 -2.97
C HIS B 123 11.45 -18.63 -2.08
N ARG B 124 11.80 -19.58 -1.23
CA ARG B 124 10.83 -20.17 -0.30
C ARG B 124 10.65 -19.39 1.03
N GLY B 125 11.55 -18.45 1.30
CA GLY B 125 11.47 -17.64 2.51
C GLY B 125 12.40 -18.19 3.56
N PHE B 126 13.20 -19.17 3.19
CA PHE B 126 14.16 -19.76 4.13
C PHE B 126 15.59 -19.43 3.72
N SER B 127 16.42 -19.11 4.70
CA SER B 127 17.80 -18.69 4.48
C SER B 127 18.69 -19.82 3.96
N ASN B 128 19.82 -19.44 3.39
CA ASN B 128 20.85 -20.37 2.93
C ASN B 128 21.41 -21.18 4.09
N SER B 129 21.50 -20.52 5.26
CA SER B 129 21.97 -21.10 6.51
C SER B 129 21.09 -22.29 6.83
N TYR B 130 19.88 -22.00 7.27
CA TYR B 130 18.81 -22.96 7.42
C TYR B 130 18.93 -24.18 6.48
N LEU B 131 18.63 -23.96 5.19
CA LEU B 131 18.53 -25.04 4.20
C LEU B 131 19.68 -26.05 4.25
N GLN B 132 20.87 -25.57 4.56
CA GLN B 132 22.03 -26.42 4.79
C GLN B 132 22.02 -26.89 6.24
N LYS B 133 22.09 -25.94 7.17
CA LYS B 133 22.10 -26.18 8.62
C LYS B 133 21.13 -27.23 9.18
N PHE B 134 20.14 -27.66 8.37
CA PHE B 134 19.39 -28.92 8.60
C PHE B 134 18.55 -29.36 7.41
N ASP B 135 19.31 -29.57 6.35
CA ASP B 135 19.22 -30.56 5.29
C ASP B 135 18.00 -30.60 4.38
N HIS B 136 17.83 -29.51 3.61
CA HIS B 136 16.81 -29.39 2.54
C HIS B 136 17.42 -29.97 1.29
N PRO B 137 16.59 -30.61 0.44
CA PRO B 137 17.11 -31.26 -0.78
C PRO B 137 17.93 -30.35 -1.68
N LEU B 138 17.69 -29.03 -1.59
CA LEU B 138 18.41 -28.04 -2.41
C LEU B 138 19.86 -27.88 -1.95
N ALA B 139 20.08 -27.99 -0.64
CA ALA B 139 21.42 -27.99 -0.07
C ALA B 139 22.10 -29.28 -0.47
N ALA B 140 21.27 -30.27 -0.80
CA ALA B 140 21.72 -31.54 -1.35
C ALA B 140 22.26 -31.40 -2.78
N LEU B 141 21.79 -30.40 -3.53
CA LEU B 141 22.23 -30.20 -4.92
C LEU B 141 23.48 -29.28 -5.04
N TYR B 142 23.38 -28.05 -4.53
CA TYR B 142 24.52 -27.12 -4.44
C TYR B 142 24.75 -26.83 -2.94
N SER B 143 25.97 -26.45 -2.57
CA SER B 143 26.28 -26.26 -1.14
C SER B 143 27.06 -25.00 -0.78
N THR B 144 27.49 -24.24 -1.78
CA THR B 144 27.89 -22.87 -1.53
C THR B 144 26.88 -21.99 -2.30
N SER B 145 26.41 -20.91 -1.66
CA SER B 145 25.40 -20.01 -2.22
C SER B 145 24.23 -20.79 -2.81
N THR B 146 23.54 -21.56 -1.98
CA THR B 146 22.57 -22.52 -2.47
C THR B 146 21.45 -21.87 -3.29
N MET B 147 20.70 -20.99 -2.63
CA MET B 147 19.51 -20.41 -3.25
C MET B 147 19.81 -19.72 -4.56
N GLU B 148 20.89 -18.95 -4.59
CA GLU B 148 21.32 -18.26 -5.79
C GLU B 148 21.52 -19.21 -7.00
N GLN B 149 22.22 -20.32 -6.79
CA GLN B 149 22.45 -21.24 -7.88
C GLN B 149 21.11 -21.80 -8.34
N HIS B 150 20.15 -21.82 -7.43
CA HIS B 150 18.79 -22.20 -7.74
C HIS B 150 18.19 -21.16 -8.63
N HIS B 151 18.14 -19.92 -8.11
CA HIS B 151 17.63 -18.78 -8.84
C HIS B 151 18.14 -18.76 -10.25
N PHE B 152 19.46 -18.87 -10.43
CA PHE B 152 20.04 -18.81 -11.78
C PHE B 152 19.53 -19.95 -12.66
N SER B 153 19.39 -21.12 -12.05
CA SER B 153 18.84 -22.27 -12.73
C SER B 153 17.42 -21.96 -13.22
N GLN B 154 16.60 -21.43 -12.31
CA GLN B 154 15.23 -21.02 -12.60
C GLN B 154 15.11 -20.12 -13.85
N THR B 155 15.86 -19.03 -13.83
CA THR B 155 15.93 -18.10 -14.93
C THR B 155 16.12 -18.87 -16.22
N VAL B 156 17.19 -19.67 -16.27
CA VAL B 156 17.56 -20.44 -17.46
C VAL B 156 16.39 -21.32 -17.90
N SER B 157 15.81 -22.01 -16.92
CA SER B 157 14.61 -22.78 -17.13
C SER B 157 13.52 -21.96 -17.81
N ILE B 158 13.38 -20.71 -17.35
CA ILE B 158 12.36 -19.82 -17.89
C ILE B 158 12.75 -19.34 -19.27
N LEU B 159 14.03 -19.00 -19.46
CA LEU B 159 14.53 -18.62 -20.77
C LEU B 159 14.30 -19.75 -21.78
N GLN B 160 14.59 -20.97 -21.35
CA GLN B 160 14.47 -22.14 -22.23
C GLN B 160 13.03 -22.63 -22.44
N LEU B 161 12.06 -21.81 -22.04
CA LEU B 161 10.67 -22.12 -22.33
C LEU B 161 10.29 -21.78 -23.79
N GLU B 162 9.21 -22.38 -24.26
CA GLU B 162 8.69 -22.23 -25.63
C GLU B 162 8.28 -20.80 -25.90
N GLY B 163 8.96 -20.14 -26.83
CA GLY B 163 8.67 -18.74 -27.19
C GLY B 163 9.12 -17.72 -26.16
N HIS B 164 9.83 -18.19 -25.13
CA HIS B 164 10.23 -17.33 -24.02
C HIS B 164 11.60 -16.74 -24.16
N ASN B 165 12.40 -17.26 -25.09
CA ASN B 165 13.77 -16.81 -25.15
C ASN B 165 13.96 -15.47 -25.80
N ILE B 166 13.94 -14.44 -24.97
CA ILE B 166 14.20 -13.06 -25.37
C ILE B 166 15.61 -12.84 -25.93
N PHE B 167 16.53 -13.77 -25.68
CA PHE B 167 17.95 -13.60 -26.05
C PHE B 167 18.30 -14.32 -27.33
N SER B 168 17.28 -14.93 -27.94
CA SER B 168 17.41 -15.77 -29.12
C SER B 168 18.12 -15.08 -30.26
N THR B 169 17.67 -13.87 -30.63
CA THR B 169 18.26 -13.16 -31.79
C THR B 169 19.63 -12.46 -31.54
N LEU B 170 20.35 -12.90 -30.52
CA LEU B 170 21.77 -12.60 -30.41
C LEU B 170 22.51 -13.75 -31.09
N SER B 171 23.81 -13.58 -31.36
CA SER B 171 24.69 -14.67 -31.78
C SER B 171 24.94 -15.59 -30.57
N SER B 172 25.26 -16.87 -30.82
CA SER B 172 25.43 -17.84 -29.71
C SER B 172 26.68 -17.54 -28.87
N SER B 173 27.56 -16.70 -29.42
CA SER B 173 28.62 -16.04 -28.66
C SER B 173 28.03 -15.10 -27.60
N GLU B 174 27.28 -14.11 -28.08
CA GLU B 174 26.63 -13.07 -27.26
C GLU B 174 25.54 -13.63 -26.36
N TYR B 175 24.88 -14.68 -26.84
CA TYR B 175 23.95 -15.43 -26.02
C TYR B 175 24.68 -16.09 -24.86
N GLU B 176 25.81 -16.74 -25.18
CA GLU B 176 26.64 -17.43 -24.19
C GLU B 176 27.41 -16.49 -23.26
N GLN B 177 27.20 -15.20 -23.40
CA GLN B 177 28.03 -14.18 -22.80
C GLN B 177 27.19 -13.45 -21.77
N VAL B 178 25.95 -13.17 -22.17
CA VAL B 178 24.97 -12.53 -21.33
C VAL B 178 24.57 -13.50 -20.23
N LEU B 179 24.42 -14.77 -20.57
CA LEU B 179 24.11 -15.78 -19.56
C LEU B 179 25.16 -15.85 -18.46
N GLU B 180 26.43 -15.67 -18.85
CA GLU B 180 27.50 -15.50 -17.88
C GLU B 180 27.23 -14.24 -17.04
N ILE B 181 27.05 -13.10 -17.70
CA ILE B 181 26.74 -11.84 -17.00
C ILE B 181 25.61 -12.06 -15.98
N ILE B 182 24.53 -12.67 -16.45
CA ILE B 182 23.40 -12.94 -15.59
C ILE B 182 23.82 -13.87 -14.44
N ARG B 183 24.49 -14.99 -14.73
CA ARG B 183 24.89 -15.93 -13.67
C ARG B 183 25.72 -15.26 -12.57
N LYS B 184 26.82 -14.62 -12.95
CA LYS B 184 27.72 -13.99 -11.98
C LYS B 184 27.02 -12.93 -11.14
N ALA B 185 26.16 -12.16 -11.79
CA ALA B 185 25.41 -11.11 -11.12
C ALA B 185 24.45 -11.66 -10.09
N ILE B 186 23.85 -12.80 -10.39
CA ILE B 186 22.87 -13.38 -9.46
C ILE B 186 23.56 -14.02 -8.26
N ILE B 187 24.68 -14.72 -8.49
CA ILE B 187 25.50 -15.26 -7.39
C ILE B 187 26.00 -14.14 -6.50
N ALA B 188 26.41 -13.05 -7.15
CA ALA B 188 26.90 -11.90 -6.44
C ALA B 188 25.94 -11.55 -5.32
N THR B 189 24.64 -11.76 -5.54
CA THR B 189 23.65 -11.40 -4.52
C THR B 189 23.68 -12.21 -3.21
N ASP B 190 24.52 -13.24 -3.13
CA ASP B 190 24.64 -14.00 -1.89
C ASP B 190 25.43 -13.13 -0.93
N LEU B 191 24.79 -12.71 0.14
CA LEU B 191 25.36 -11.70 1.02
C LEU B 191 26.71 -12.10 1.62
N ALA B 192 26.86 -13.41 1.87
CA ALA B 192 28.12 -14.00 2.30
C ALA B 192 29.30 -13.50 1.48
N LEU B 193 29.14 -13.53 0.15
CA LEU B 193 30.18 -13.11 -0.80
C LEU B 193 30.48 -11.63 -0.81
N TYR B 194 29.49 -10.82 -0.44
CA TYR B 194 29.62 -9.36 -0.46
C TYR B 194 30.86 -8.82 0.27
N PHE B 195 31.10 -9.27 1.50
CA PHE B 195 32.19 -8.74 2.35
C PHE B 195 33.59 -8.90 1.75
N GLY B 196 33.84 -10.05 1.13
CA GLY B 196 35.05 -10.23 0.33
C GLY B 196 35.12 -9.16 -0.75
N ASN B 197 34.12 -9.19 -1.65
CA ASN B 197 34.07 -8.30 -2.82
C ASN B 197 34.34 -6.83 -2.47
N ARG B 198 33.71 -6.34 -1.41
CA ARG B 198 33.87 -4.96 -1.03
C ARG B 198 35.32 -4.64 -0.64
N LYS B 199 35.97 -5.56 0.10
CA LYS B 199 37.33 -5.36 0.61
C LYS B 199 38.32 -5.19 -0.55
N GLN B 200 38.28 -6.13 -1.49
CA GLN B 200 39.04 -6.03 -2.74
C GLN B 200 38.80 -4.72 -3.50
N LEU B 201 37.53 -4.38 -3.66
CA LEU B 201 37.15 -3.18 -4.39
C LEU B 201 37.65 -1.96 -3.64
N GLU B 202 37.52 -2.00 -2.31
CA GLU B 202 38.06 -0.98 -1.40
C GLU B 202 39.54 -0.76 -1.65
N GLU B 203 40.28 -1.87 -1.53
CA GLU B 203 41.70 -1.99 -1.88
C GLU B 203 41.99 -1.39 -3.27
N MET B 204 41.48 -2.03 -4.31
CA MET B 204 41.82 -1.68 -5.69
C MET B 204 41.62 -0.20 -6.00
N TYR B 205 40.47 0.34 -5.62
CA TYR B 205 40.22 1.77 -5.81
C TYR B 205 41.32 2.58 -5.15
N GLN B 206 41.66 2.18 -3.92
CA GLN B 206 42.53 2.97 -3.08
C GLN B 206 43.98 3.00 -3.59
N THR B 207 44.45 1.89 -4.16
CA THR B 207 45.78 1.88 -4.79
C THR B 207 45.79 2.50 -6.19
N GLY B 208 44.61 2.65 -6.79
CA GLY B 208 44.47 3.18 -8.15
C GLY B 208 44.71 2.12 -9.22
N SER B 209 44.28 0.91 -8.94
CA SER B 209 44.54 -0.23 -9.81
C SER B 209 43.25 -0.85 -10.33
N LEU B 210 42.12 -0.31 -9.90
CA LEU B 210 40.83 -0.75 -10.40
C LEU B 210 40.70 -0.34 -11.86
N ASN B 211 40.42 -1.30 -12.73
CA ASN B 211 40.35 -1.03 -14.15
C ASN B 211 39.10 -1.60 -14.77
N LEU B 212 38.21 -0.71 -15.20
CA LEU B 212 37.00 -1.16 -15.90
C LEU B 212 37.27 -1.98 -17.21
N ASN B 213 38.44 -1.80 -17.83
CA ASN B 213 38.85 -2.63 -18.98
C ASN B 213 39.24 -4.04 -18.57
N ASN B 214 39.55 -4.24 -17.30
CA ASN B 214 39.85 -5.59 -16.81
C ASN B 214 38.54 -6.32 -16.46
N GLN B 215 38.24 -7.38 -17.20
CA GLN B 215 37.01 -8.16 -17.04
C GLN B 215 36.72 -8.53 -15.59
N SER B 216 37.74 -8.98 -14.86
CA SER B 216 37.56 -9.38 -13.47
C SER B 216 37.22 -8.22 -12.51
N HIS B 217 37.80 -7.04 -12.75
CA HIS B 217 37.39 -5.83 -12.04
C HIS B 217 35.99 -5.44 -12.38
N ARG B 218 35.65 -5.51 -13.67
CA ARG B 218 34.31 -5.28 -14.16
C ARG B 218 33.32 -6.17 -13.41
N ASP B 219 33.57 -7.48 -13.36
CA ASP B 219 32.67 -8.42 -12.69
C ASP B 219 32.42 -8.03 -11.24
N ARG B 220 33.48 -7.56 -10.58
CA ARG B 220 33.38 -7.10 -9.20
C ARG B 220 32.52 -5.84 -9.03
N VAL B 221 32.73 -4.81 -9.84
CA VAL B 221 31.88 -3.60 -9.78
C VAL B 221 30.41 -3.97 -9.99
N ILE B 222 30.13 -4.78 -11.01
CA ILE B 222 28.78 -5.29 -11.25
C ILE B 222 28.23 -5.97 -9.99
N GLY B 223 29.04 -6.85 -9.43
CA GLY B 223 28.69 -7.51 -8.18
C GLY B 223 28.28 -6.52 -7.11
N LEU B 224 29.12 -5.52 -6.87
CA LEU B 224 28.82 -4.46 -5.90
C LEU B 224 27.52 -3.75 -6.23
N MET B 225 27.31 -3.47 -7.52
CA MET B 225 26.07 -2.90 -8.02
C MET B 225 24.90 -3.77 -7.63
N MET B 226 25.01 -5.06 -7.93
CA MET B 226 23.99 -6.04 -7.55
C MET B 226 23.64 -5.98 -6.07
N THR B 227 24.67 -5.91 -5.22
CA THR B 227 24.47 -5.81 -3.79
C THR B 227 23.82 -4.47 -3.41
N ALA B 228 24.26 -3.40 -4.04
CA ALA B 228 23.69 -2.09 -3.76
C ALA B 228 22.20 -2.07 -4.11
N CYS B 229 21.84 -2.66 -5.26
CA CYS B 229 20.42 -2.82 -5.65
C CYS B 229 19.63 -3.77 -4.72
N ASP B 230 20.26 -4.86 -4.25
CA ASP B 230 19.59 -5.86 -3.40
C ASP B 230 19.09 -5.28 -2.10
N LEU B 231 19.82 -4.30 -1.60
CA LEU B 231 19.50 -3.67 -0.33
C LEU B 231 18.81 -2.30 -0.47
N CYS B 232 18.51 -1.87 -1.68
CA CYS B 232 18.07 -0.49 -1.87
C CYS B 232 16.82 -0.07 -1.10
N SER B 233 16.05 -0.99 -0.53
CA SER B 233 14.91 -0.56 0.29
C SER B 233 15.40 0.34 1.41
N VAL B 234 16.64 0.15 1.85
CA VAL B 234 17.29 1.03 2.83
C VAL B 234 17.65 2.41 2.22
N THR B 235 17.24 2.65 0.98
CA THR B 235 17.51 3.93 0.35
C THR B 235 16.25 4.68 0.00
N LYS B 236 15.10 4.14 0.41
CA LYS B 236 13.83 4.84 0.19
C LYS B 236 13.50 5.82 1.33
N LEU B 237 12.57 6.75 1.12
CA LEU B 237 12.19 7.68 2.20
C LEU B 237 11.73 6.90 3.44
N TRP B 238 11.92 7.51 4.60
CA TRP B 238 11.81 6.77 5.86
C TRP B 238 10.59 5.88 6.07
N PRO B 239 9.36 6.39 5.84
CA PRO B 239 8.20 5.52 6.07
C PRO B 239 8.16 4.27 5.17
N VAL B 240 8.59 4.42 3.92
CA VAL B 240 8.73 3.27 3.02
C VAL B 240 9.61 2.23 3.72
N THR B 241 10.82 2.65 4.10
CA THR B 241 11.85 1.76 4.67
C THR B 241 11.44 1.03 5.94
N LYS B 242 10.89 1.79 6.89
CA LYS B 242 10.28 1.26 8.13
C LYS B 242 9.33 0.10 7.79
N LEU B 243 8.43 0.35 6.85
CA LEU B 243 7.49 -0.66 6.37
C LEU B 243 8.19 -1.90 5.84
N THR B 244 9.14 -1.70 4.93
CA THR B 244 9.81 -2.82 4.31
C THR B 244 10.42 -3.73 5.36
N ALA B 245 11.08 -3.09 6.32
CA ALA B 245 11.66 -3.74 7.49
C ALA B 245 10.73 -4.76 8.12
N ASN B 246 9.49 -4.36 8.35
CA ASN B 246 8.49 -5.29 8.84
C ASN B 246 8.42 -6.55 7.98
N ASP B 247 8.41 -6.35 6.66
CA ASP B 247 8.30 -7.46 5.75
C ASP B 247 9.52 -8.38 5.93
N ILE B 248 10.73 -7.80 5.89
CA ILE B 248 11.95 -8.62 6.06
C ILE B 248 11.90 -9.41 7.38
N TYR B 249 11.45 -8.76 8.47
CA TYR B 249 11.35 -9.45 9.76
C TYR B 249 10.28 -10.54 9.80
N ALA B 250 9.14 -10.28 9.16
CA ALA B 250 8.07 -11.28 9.03
C ALA B 250 8.60 -12.60 8.46
N GLU B 251 9.56 -12.52 7.54
CA GLU B 251 10.14 -13.74 6.98
C GLU B 251 11.06 -14.42 7.95
N PHE B 252 11.99 -13.65 8.53
CA PHE B 252 12.98 -14.19 9.46
C PHE B 252 12.31 -14.91 10.62
N TRP B 253 11.34 -14.23 11.24
CA TRP B 253 10.67 -14.76 12.42
C TRP B 253 9.97 -16.05 12.13
N ALA B 254 9.49 -16.19 10.88
CA ALA B 254 8.78 -17.39 10.46
C ALA B 254 9.76 -18.55 10.39
N GLU B 255 10.95 -18.26 9.91
CA GLU B 255 12.03 -19.22 9.91
C GLU B 255 12.33 -19.67 11.33
N GLY B 256 12.50 -18.70 12.24
CA GLY B 256 12.79 -18.97 13.65
C GLY B 256 11.72 -19.83 14.28
N ASP B 257 10.47 -19.56 13.93
CA ASP B 257 9.37 -20.37 14.40
C ASP B 257 9.63 -21.83 14.02
N GLU B 258 10.02 -22.09 12.77
CA GLU B 258 10.28 -23.47 12.30
C GLU B 258 11.49 -24.15 12.97
N MET B 259 12.40 -23.35 13.51
CA MET B 259 13.52 -23.89 14.31
C MET B 259 13.04 -24.20 15.71
N LYS B 260 12.33 -23.24 16.32
CA LYS B 260 11.69 -23.44 17.61
C LYS B 260 10.85 -24.73 17.61
N LYS B 261 10.01 -24.91 16.59
CA LYS B 261 9.19 -26.13 16.39
C LYS B 261 9.98 -27.47 16.42
N LEU B 262 11.29 -27.41 16.20
CA LEU B 262 12.16 -28.57 16.35
C LEU B 262 13.15 -28.36 17.49
N GLY B 263 12.69 -27.63 18.52
CA GLY B 263 13.45 -27.34 19.73
C GLY B 263 14.86 -26.83 19.49
N ILE B 264 14.98 -25.89 18.56
CA ILE B 264 16.27 -25.25 18.31
C ILE B 264 16.14 -23.74 18.39
N GLN B 265 16.98 -23.16 19.23
CA GLN B 265 17.02 -21.74 19.49
C GLN B 265 17.51 -21.06 18.22
N PRO B 266 16.66 -20.22 17.59
CA PRO B 266 17.10 -19.44 16.45
C PRO B 266 17.94 -18.27 16.94
N ILE B 267 18.85 -17.77 16.10
CA ILE B 267 19.61 -16.58 16.44
C ILE B 267 18.66 -15.40 16.64
N PRO B 268 19.12 -14.34 17.34
CA PRO B 268 18.11 -13.37 17.74
C PRO B 268 17.34 -12.72 16.57
N MET B 269 17.99 -12.66 15.41
CA MET B 269 17.42 -12.02 14.23
C MET B 269 16.14 -12.65 13.69
N MET B 270 15.94 -13.93 13.98
CA MET B 270 14.75 -14.65 13.49
C MET B 270 13.87 -15.06 14.66
N ASP B 271 14.01 -14.31 15.75
CA ASP B 271 13.27 -14.55 16.97
C ASP B 271 12.28 -13.40 17.19
N ARG B 272 10.99 -13.75 17.09
CA ARG B 272 9.91 -12.78 17.23
C ARG B 272 9.68 -12.40 18.69
N ASP B 273 10.35 -13.14 19.58
CA ASP B 273 10.31 -12.85 21.01
C ASP B 273 11.42 -11.88 21.41
N LYS B 274 12.19 -11.43 20.41
CA LYS B 274 13.25 -10.44 20.63
C LYS B 274 13.04 -9.10 19.91
N LYS B 275 11.79 -8.85 19.49
CA LYS B 275 11.33 -7.62 18.79
C LYS B 275 11.92 -6.23 19.12
N ASP B 276 12.26 -5.96 20.39
CA ASP B 276 12.70 -4.61 20.78
C ASP B 276 14.11 -4.34 20.28
N GLU B 277 14.89 -5.42 20.25
CA GLU B 277 16.27 -5.38 19.77
C GLU B 277 16.36 -5.00 18.27
N VAL B 278 15.22 -5.04 17.57
CA VAL B 278 15.13 -4.74 16.14
C VAL B 278 15.80 -3.43 15.69
N PRO B 279 15.46 -2.29 16.32
CA PRO B 279 16.06 -1.05 15.84
C PRO B 279 17.57 -1.03 16.04
N GLN B 280 18.04 -1.71 17.07
CA GLN B 280 19.46 -1.96 17.26
C GLN B 280 20.04 -2.97 16.24
N GLY B 281 19.20 -3.88 15.76
CA GLY B 281 19.59 -4.80 14.70
C GLY B 281 19.93 -4.03 13.44
N GLN B 282 19.00 -3.17 13.02
CA GLN B 282 19.14 -2.27 11.89
C GLN B 282 20.43 -1.48 11.95
N LEU B 283 20.60 -0.72 13.03
CA LEU B 283 21.76 0.15 13.14
C LEU B 283 22.99 -0.65 12.78
N GLY B 284 23.11 -1.82 13.39
CA GLY B 284 24.24 -2.72 13.13
C GLY B 284 24.43 -3.02 11.67
N PHE B 285 23.31 -3.34 11.02
CA PHE B 285 23.24 -3.75 9.64
C PHE B 285 23.62 -2.61 8.72
N TYR B 286 23.11 -1.42 9.02
CA TYR B 286 23.52 -0.25 8.27
C TYR B 286 25.01 -0.02 8.34
N ASN B 287 25.53 -0.09 9.56
CA ASN B 287 26.91 0.19 9.84
C ASN B 287 27.89 -0.81 9.26
N ALA B 288 27.63 -2.10 9.51
CA ALA B 288 28.52 -3.18 9.08
C ALA B 288 28.39 -3.48 7.59
N VAL B 289 27.18 -3.35 7.07
CA VAL B 289 26.87 -3.82 5.71
C VAL B 289 26.47 -2.70 4.76
N ALA B 290 25.36 -2.02 5.08
CA ALA B 290 24.74 -1.06 4.17
C ALA B 290 25.64 0.13 3.83
N ILE B 291 25.94 0.98 4.81
CA ILE B 291 26.81 2.15 4.58
C ILE B 291 28.07 1.77 3.81
N PRO B 292 28.83 0.77 4.32
CA PRO B 292 30.01 0.36 3.58
C PRO B 292 29.71 0.08 2.11
N CYS B 293 28.64 -0.67 1.87
CA CYS B 293 28.21 -1.02 0.52
C CYS B 293 28.07 0.21 -0.39
N TYR B 294 27.23 1.16 0.01
CA TYR B 294 26.96 2.33 -0.82
C TYR B 294 28.15 3.27 -0.92
N THR B 295 28.89 3.38 0.19
CA THR B 295 30.11 4.18 0.27
C THR B 295 31.09 3.80 -0.83
N THR B 296 31.39 2.52 -0.93
CA THR B 296 32.33 2.06 -1.96
C THR B 296 31.77 2.26 -3.38
N LEU B 297 30.46 2.07 -3.55
CA LEU B 297 29.82 2.27 -4.87
C LEU B 297 29.84 3.72 -5.32
N THR B 298 29.71 4.64 -4.37
CA THR B 298 29.83 6.05 -4.67
C THR B 298 31.26 6.49 -5.02
N GLN B 299 32.24 5.80 -4.46
CA GLN B 299 33.65 6.03 -4.84
C GLN B 299 33.92 5.59 -6.28
N ILE B 300 33.52 4.37 -6.60
CA ILE B 300 33.61 3.82 -7.94
C ILE B 300 32.70 4.57 -8.89
N LEU B 301 31.43 4.70 -8.55
CA LEU B 301 30.50 5.28 -9.48
C LEU B 301 29.89 6.50 -8.86
N PRO B 302 30.52 7.67 -9.02
CA PRO B 302 30.06 8.91 -8.34
C PRO B 302 28.61 9.40 -8.62
N PRO B 303 28.01 9.04 -9.77
CA PRO B 303 26.56 9.28 -9.97
C PRO B 303 25.61 8.52 -9.01
N THR B 304 26.10 7.46 -8.38
CA THR B 304 25.30 6.69 -7.41
C THR B 304 25.32 7.30 -6.01
N GLU B 305 25.78 8.54 -5.91
CA GLU B 305 25.88 9.25 -4.64
C GLU B 305 24.54 9.30 -3.85
N PRO B 306 23.41 9.65 -4.51
CA PRO B 306 22.13 9.81 -3.81
C PRO B 306 21.77 8.58 -2.99
N LEU B 307 22.14 7.41 -3.51
CA LEU B 307 21.92 6.15 -2.82
C LEU B 307 22.56 6.18 -1.46
N LEU B 308 23.80 6.64 -1.42
CA LEU B 308 24.53 6.81 -0.16
C LEU B 308 23.84 7.83 0.74
N LYS B 309 23.48 8.98 0.18
CA LYS B 309 22.78 10.04 0.92
C LYS B 309 21.54 9.50 1.63
N ALA B 310 20.65 8.86 0.87
CA ALA B 310 19.41 8.31 1.42
C ALA B 310 19.64 7.30 2.55
N CYS B 311 20.70 6.49 2.42
CA CYS B 311 21.07 5.50 3.42
C CYS B 311 21.42 6.16 4.74
N ARG B 312 22.23 7.21 4.66
CA ARG B 312 22.60 8.02 5.81
C ARG B 312 21.37 8.53 6.55
N ASP B 313 20.46 9.18 5.80
CA ASP B 313 19.24 9.75 6.35
C ASP B 313 18.42 8.70 7.08
N ASN B 314 18.36 7.48 6.52
CA ASN B 314 17.65 6.36 7.14
C ASN B 314 18.34 5.87 8.41
N LEU B 315 19.67 5.81 8.35
CA LEU B 315 20.47 5.46 9.54
C LEU B 315 20.12 6.36 10.72
N SER B 316 20.19 7.69 10.50
CA SER B 316 19.81 8.72 11.49
C SER B 316 18.47 8.45 12.14
N GLN B 317 17.51 8.04 11.31
CA GLN B 317 16.18 7.71 11.80
C GLN B 317 16.27 6.56 12.79
N TRP B 318 16.93 5.48 12.39
CA TRP B 318 17.09 4.34 13.29
C TRP B 318 17.74 4.70 14.60
N GLU B 319 18.81 5.53 14.54
CA GLU B 319 19.49 6.06 15.72
C GLU B 319 18.45 6.69 16.65
N LYS B 320 17.69 7.62 16.08
CA LYS B 320 16.66 8.37 16.80
C LYS B 320 15.63 7.44 17.47
N VAL B 321 15.21 6.39 16.78
CA VAL B 321 14.34 5.36 17.37
C VAL B 321 14.99 4.75 18.63
N ILE B 322 16.24 4.33 18.50
CA ILE B 322 16.99 3.76 19.63
C ILE B 322 17.10 4.74 20.81
N ARG B 323 17.32 6.02 20.49
CA ARG B 323 17.37 7.07 21.51
C ARG B 323 15.98 7.47 22.05
N GLY B 324 14.92 6.86 21.50
CA GLY B 324 13.52 7.11 21.94
C GLY B 324 12.89 8.42 21.48
N GLU B 325 12.90 8.68 20.17
CA GLU B 325 12.38 9.93 19.57
C GLU B 325 11.59 9.64 18.28
N GLU B 326 10.68 8.66 18.35
CA GLU B 326 9.95 8.15 17.16
C GLU B 326 8.84 7.17 17.66
ZN ZN C . -15.57 7.67 10.11
MG MG D . -15.42 5.63 12.64
C26 D79 E . 3.04 12.67 12.82
C27 D79 E . 2.04 11.98 12.18
C25 D79 E . 3.96 12.02 13.62
C22 D79 E . 2.18 10.65 12.49
C23 D79 E . 3.11 9.99 13.30
C18 D79 E . 1.35 9.66 12.02
C3 D79 E . -3.87 8.80 10.23
C8 D79 E . -5.22 9.57 8.85
C11 D79 E . -7.80 8.74 8.38
C15 D79 E . 0.13 7.27 11.46
C12 D79 E . -7.09 8.12 9.31
C16 D79 E . 1.19 7.28 12.26
C10 D79 E . -7.09 9.83 7.69
C4 D79 E . -0.27 8.59 10.95
C14 D79 E . -7.65 7.00 10.10
C13 D79 E . -7.88 10.52 6.64
C5 D79 E . -2.63 8.63 11.00
C6 D79 E . -1.45 8.66 10.06
N24 D79 E . 4.07 10.70 13.92
N20 D79 E . 2.88 8.68 13.33
N1 D79 E . -4.00 9.76 9.27
N2 D79 E . -4.93 8.02 10.44
N17 D79 E . 0.28 9.73 11.21
N9 D79 E . -5.88 10.24 7.88
N19 D79 E . 1.80 8.48 12.54
N7 D79 E . -5.79 8.53 9.54
O21 D79 E . 1.68 6.12 12.83
ZN ZN F . 17.27 -10.25 -3.09
MG MG G . 18.95 -13.25 -2.57
#